data_1NBU
#
_entry.id   1NBU
#
_cell.length_a   78.560
_cell.length_b   85.150
_cell.length_c   74.790
_cell.angle_alpha   90.00
_cell.angle_beta   112.69
_cell.angle_gamma   90.00
#
_symmetry.space_group_name_H-M   'P 1 21 1'
#
loop_
_entity.id
_entity.type
_entity.pdbx_description
1 polymer 'Probable dihydroneopterin aldolase'
2 polymer 'Probable dihydroneopterin aldolase'
3 polymer 'Probable dihydroneopterin aldolase'
4 non-polymer 2-AMINO-6-HYDROXYMETHYL-7,8-DIHYDRO-3H-PTERIDIN-4-ONE
5 water water
#
loop_
_entity_poly.entity_id
_entity_poly.type
_entity_poly.pdbx_seq_one_letter_code
_entity_poly.pdbx_strand_id
1 'polypeptide(L)'
;MADRIELRGLTVHGRHGVYDHERVAGQRFVIDVTVWIDLAEAANSDDLADTYDYVRLASRAAEIVAGPPRKLIETVGAEI
ADHVMDDQRVHAVEVAVHKPQAPIPQTFDDVAVVIRRSR
;
A,E,F,G,H
2 'polypeptide(L)'
;MADRIELRGLTVHGRHGVYAHERVAGQRFVIDVTVWIDLAEAANSDDLADTYDYVRLASRAAEIVAGPPRKLIETVGAEI
ADHVMDDQRVHAVEVAVHKPQAPIPQTFDDVAVVIRRSR
;
B,D
3 'polypeptide(L)'
;MADRIELRGLTVHGRHGVAAHERVAGQRFVIDVTVWIDLAEAANSDDLADTYDYVRLASRAAEIVAGPPRKLIETVGAEI
ADHVMDDQRVHAVEVAVHKPQAPIPQTFDDVAVVIRRSR
;
C
#
# COMPACT_ATOMS: atom_id res chain seq x y z
N ALA A 2 2.37 -13.98 -26.13
CA ALA A 2 1.52 -13.88 -24.94
C ALA A 2 0.80 -12.55 -24.88
N ASP A 3 0.42 -11.98 -26.01
CA ASP A 3 -0.29 -10.70 -25.99
C ASP A 3 -1.57 -10.71 -25.20
N ARG A 4 -1.82 -9.67 -24.40
CA ARG A 4 -3.04 -9.69 -23.61
C ARG A 4 -3.41 -8.28 -23.17
N ILE A 5 -4.70 -8.21 -22.82
CA ILE A 5 -5.28 -7.04 -22.25
C ILE A 5 -5.58 -7.34 -20.80
N GLU A 6 -5.24 -6.42 -19.90
CA GLU A 6 -5.50 -6.73 -18.49
C GLU A 6 -6.28 -5.63 -17.80
N LEU A 7 -7.47 -5.96 -17.30
CA LEU A 7 -8.28 -5.06 -16.51
C LEU A 7 -8.15 -5.49 -15.04
N ARG A 8 -7.91 -4.54 -14.12
CA ARG A 8 -7.69 -4.93 -12.75
C ARG A 8 -8.47 -4.05 -11.76
N GLY A 9 -9.10 -4.72 -10.80
CA GLY A 9 -9.71 -4.01 -9.69
C GLY A 9 -11.00 -3.28 -10.08
N LEU A 10 -11.66 -3.73 -11.13
CA LEU A 10 -13.00 -3.16 -11.42
C LEU A 10 -13.92 -3.38 -10.23
N THR A 11 -14.42 -2.35 -9.58
CA THR A 11 -15.13 -2.38 -8.31
C THR A 11 -16.59 -2.00 -8.51
N VAL A 12 -17.45 -2.97 -8.23
CA VAL A 12 -18.87 -2.85 -8.52
C VAL A 12 -19.71 -3.40 -7.37
N HIS A 13 -20.68 -2.64 -6.88
CA HIS A 13 -21.57 -3.15 -5.84
C HIS A 13 -22.53 -4.17 -6.42
N GLY A 14 -22.75 -5.27 -5.71
CA GLY A 14 -23.61 -6.31 -6.23
C GLY A 14 -24.23 -7.13 -5.10
N ARG A 15 -25.10 -8.06 -5.47
CA ARG A 15 -25.94 -8.83 -4.58
C ARG A 15 -25.77 -10.33 -4.62
N HIS A 16 -24.66 -10.92 -4.95
CA HIS A 16 -24.41 -12.36 -5.02
C HIS A 16 -24.03 -12.96 -3.68
N GLY A 17 -24.45 -14.21 -3.44
CA GLY A 17 -24.20 -14.87 -2.17
C GLY A 17 -25.21 -15.98 -1.92
N VAL A 18 -24.76 -16.99 -1.18
CA VAL A 18 -25.63 -18.12 -0.90
C VAL A 18 -26.74 -17.78 0.07
N TYR A 19 -26.46 -16.98 1.10
CA TYR A 19 -27.56 -16.86 2.08
C TYR A 19 -28.36 -15.60 1.82
N ASP A 20 -29.61 -15.66 2.28
CA ASP A 20 -30.55 -14.61 1.92
C ASP A 20 -30.03 -13.26 2.42
N HIS A 21 -29.48 -13.26 3.62
CA HIS A 21 -29.09 -11.99 4.21
C HIS A 21 -28.11 -11.24 3.31
N GLU A 22 -27.33 -11.97 2.54
CA GLU A 22 -26.35 -11.36 1.63
C GLU A 22 -27.02 -10.62 0.49
N ARG A 23 -28.24 -11.00 0.08
CA ARG A 23 -28.83 -10.19 -0.99
C ARG A 23 -29.81 -9.18 -0.42
N VAL A 24 -29.67 -8.79 0.85
CA VAL A 24 -30.46 -7.64 1.30
C VAL A 24 -29.75 -6.38 0.80
N ALA A 25 -28.52 -6.17 1.26
CA ALA A 25 -27.81 -4.94 0.91
C ALA A 25 -26.70 -5.21 -0.09
N GLY A 26 -26.39 -6.47 -0.40
CA GLY A 26 -25.30 -6.64 -1.39
C GLY A 26 -23.96 -6.29 -0.77
N GLN A 27 -22.89 -6.30 -1.56
CA GLN A 27 -21.55 -5.97 -1.09
C GLN A 27 -20.63 -5.63 -2.27
N ARG A 28 -19.41 -5.25 -1.91
CA ARG A 28 -18.41 -4.90 -2.91
C ARG A 28 -17.85 -6.10 -3.64
N PHE A 29 -17.93 -6.12 -4.97
CA PHE A 29 -17.19 -7.14 -5.70
C PHE A 29 -16.07 -6.46 -6.48
N VAL A 30 -14.99 -7.24 -6.67
CA VAL A 30 -13.86 -6.65 -7.39
C VAL A 30 -13.50 -7.60 -8.53
N ILE A 31 -13.41 -7.11 -9.75
CA ILE A 31 -13.28 -7.97 -10.93
C ILE A 31 -11.95 -7.69 -11.64
N ASP A 32 -11.22 -8.75 -12.00
CA ASP A 32 -10.07 -8.71 -12.88
C ASP A 32 -10.40 -9.47 -14.16
N VAL A 33 -9.94 -9.01 -15.32
CA VAL A 33 -10.16 -9.81 -16.53
C VAL A 33 -8.84 -9.80 -17.29
N THR A 34 -8.38 -10.96 -17.72
CA THR A 34 -7.22 -11.04 -18.58
C THR A 34 -7.69 -11.65 -19.92
N VAL A 35 -7.39 -10.96 -21.01
CA VAL A 35 -7.82 -11.46 -22.32
C VAL A 35 -6.60 -11.74 -23.18
N TRP A 36 -6.40 -13.00 -23.61
CA TRP A 36 -5.31 -13.33 -24.48
C TRP A 36 -5.79 -13.15 -25.91
N ILE A 37 -5.06 -12.33 -26.65
CA ILE A 37 -5.50 -12.02 -28.00
C ILE A 37 -4.28 -11.54 -28.79
N ASP A 38 -4.17 -11.77 -30.09
CA ASP A 38 -3.00 -11.24 -30.82
C ASP A 38 -3.15 -9.76 -31.10
N LEU A 39 -2.24 -8.92 -30.59
CA LEU A 39 -2.42 -7.48 -30.82
C LEU A 39 -1.52 -6.90 -31.90
N ALA A 40 -0.89 -7.75 -32.72
CA ALA A 40 0.03 -7.29 -33.75
C ALA A 40 -0.63 -6.37 -34.77
N GLU A 41 -1.79 -6.76 -35.28
CA GLU A 41 -2.51 -5.94 -36.26
C GLU A 41 -2.87 -4.57 -35.68
N ALA A 42 -3.36 -4.59 -34.42
CA ALA A 42 -3.78 -3.35 -33.78
C ALA A 42 -2.59 -2.40 -33.66
N ALA A 43 -1.43 -2.97 -33.32
CA ALA A 43 -0.27 -2.08 -33.26
C ALA A 43 0.05 -1.64 -34.68
N ASN A 44 -0.15 -2.53 -35.65
CA ASN A 44 0.15 -2.12 -37.04
C ASN A 44 -0.76 -1.00 -37.49
N SER A 45 -2.05 -1.22 -37.25
CA SER A 45 -3.09 -0.31 -37.71
C SER A 45 -3.29 0.93 -36.82
N ASP A 46 -3.08 0.90 -35.53
CA ASP A 46 -3.43 1.93 -34.55
C ASP A 46 -4.94 2.19 -34.62
N ASP A 47 -5.69 1.17 -35.03
CA ASP A 47 -7.13 1.26 -35.18
C ASP A 47 -7.84 0.43 -34.11
N LEU A 48 -8.67 1.09 -33.31
CA LEU A 48 -9.44 0.47 -32.23
C LEU A 48 -10.13 -0.81 -32.70
N ALA A 49 -10.63 -0.84 -33.94
CA ALA A 49 -11.46 -1.99 -34.31
C ALA A 49 -10.63 -3.26 -34.40
N ASP A 50 -9.32 -3.14 -34.43
CA ASP A 50 -8.47 -4.32 -34.56
C ASP A 50 -8.11 -4.93 -33.23
N THR A 51 -8.64 -4.29 -32.17
CA THR A 51 -8.34 -4.86 -30.85
C THR A 51 -9.65 -5.05 -30.09
N TYR A 52 -9.56 -5.48 -28.85
CA TYR A 52 -10.68 -5.59 -27.91
C TYR A 52 -10.67 -4.30 -27.06
N ASP A 53 -11.76 -3.55 -27.22
CA ASP A 53 -11.95 -2.28 -26.54
C ASP A 53 -12.10 -2.42 -25.04
N TYR A 54 -11.12 -1.93 -24.27
CA TYR A 54 -11.16 -2.15 -22.81
C TYR A 54 -12.41 -1.51 -22.18
N VAL A 55 -12.90 -0.48 -22.90
CA VAL A 55 -13.98 0.35 -22.41
C VAL A 55 -15.24 -0.54 -22.32
N ARG A 56 -15.51 -1.35 -23.33
CA ARG A 56 -16.66 -2.25 -23.32
C ARG A 56 -16.43 -3.50 -22.48
N LEU A 57 -15.16 -3.85 -22.30
CA LEU A 57 -14.82 -4.95 -21.41
C LEU A 57 -15.24 -4.54 -20.00
N ALA A 58 -14.85 -3.32 -19.59
CA ALA A 58 -15.25 -2.90 -18.25
C ALA A 58 -16.76 -2.68 -18.11
N SER A 59 -17.39 -2.08 -19.11
CA SER A 59 -18.82 -1.83 -19.05
C SER A 59 -19.63 -3.10 -18.84
N ARG A 60 -19.34 -4.04 -19.75
CA ARG A 60 -20.07 -5.31 -19.65
C ARG A 60 -19.79 -6.01 -18.33
N ALA A 61 -18.53 -6.04 -17.87
CA ALA A 61 -18.27 -6.75 -16.62
C ALA A 61 -19.08 -6.17 -15.47
N ALA A 62 -19.11 -4.83 -15.44
CA ALA A 62 -19.87 -4.18 -14.39
C ALA A 62 -21.37 -4.45 -14.50
N GLU A 63 -21.96 -4.41 -15.70
CA GLU A 63 -23.37 -4.72 -15.87
C GLU A 63 -23.76 -6.09 -15.30
N ILE A 64 -22.90 -7.07 -15.60
CA ILE A 64 -23.19 -8.44 -15.13
C ILE A 64 -23.07 -8.52 -13.63
N VAL A 65 -21.99 -7.96 -13.06
CA VAL A 65 -21.90 -7.98 -11.59
C VAL A 65 -23.05 -7.24 -10.94
N ALA A 66 -23.47 -6.14 -11.56
CA ALA A 66 -24.51 -5.28 -11.01
C ALA A 66 -25.91 -5.84 -11.24
N GLY A 67 -25.99 -6.95 -11.98
CA GLY A 67 -27.22 -7.48 -12.52
C GLY A 67 -27.95 -8.44 -11.60
N PRO A 68 -28.75 -9.33 -12.17
CA PRO A 68 -29.47 -10.32 -11.37
C PRO A 68 -28.47 -11.09 -10.51
N PRO A 69 -28.85 -11.18 -9.23
CA PRO A 69 -28.08 -11.90 -8.21
C PRO A 69 -27.88 -13.38 -8.50
N ARG A 70 -26.66 -13.87 -8.26
CA ARG A 70 -26.34 -15.28 -8.30
C ARG A 70 -25.94 -15.74 -6.89
N LYS A 71 -26.12 -17.03 -6.64
CA LYS A 71 -25.72 -17.61 -5.36
C LYS A 71 -24.20 -17.62 -5.30
N LEU A 72 -23.62 -17.99 -6.45
CA LEU A 72 -22.17 -18.14 -6.51
C LEU A 72 -21.39 -17.18 -7.39
N ILE A 73 -20.20 -16.83 -6.87
CA ILE A 73 -19.31 -16.03 -7.70
C ILE A 73 -18.77 -16.84 -8.88
N GLU A 74 -18.83 -18.15 -8.88
CA GLU A 74 -18.50 -19.01 -10.01
C GLU A 74 -19.34 -18.65 -11.23
N THR A 75 -20.63 -18.47 -10.94
CA THR A 75 -21.62 -18.13 -11.95
C THR A 75 -21.35 -16.79 -12.60
N VAL A 76 -21.13 -15.78 -11.79
CA VAL A 76 -20.80 -14.43 -12.27
C VAL A 76 -19.59 -14.52 -13.18
N GLY A 77 -18.49 -15.15 -12.75
CA GLY A 77 -17.30 -15.08 -13.62
C GLY A 77 -17.53 -15.91 -14.87
N ALA A 78 -18.38 -16.93 -14.81
CA ALA A 78 -18.57 -17.73 -16.03
C ALA A 78 -19.29 -16.92 -17.10
N GLU A 79 -20.21 -16.07 -16.66
CA GLU A 79 -21.02 -15.23 -17.53
C GLU A 79 -20.16 -14.13 -18.11
N ILE A 80 -19.24 -13.57 -17.33
CA ILE A 80 -18.32 -12.58 -17.94
C ILE A 80 -17.36 -13.22 -18.94
N ALA A 81 -16.82 -14.40 -18.63
CA ALA A 81 -15.86 -15.11 -19.47
C ALA A 81 -16.47 -15.56 -20.78
N ASP A 82 -17.64 -16.20 -20.69
CA ASP A 82 -18.40 -16.54 -21.88
C ASP A 82 -18.72 -15.34 -22.76
N HIS A 83 -18.89 -14.17 -22.14
CA HIS A 83 -19.15 -12.99 -22.93
C HIS A 83 -17.93 -12.59 -23.73
N VAL A 84 -16.78 -12.68 -23.05
CA VAL A 84 -15.52 -12.30 -23.69
C VAL A 84 -15.23 -13.29 -24.81
N MET A 85 -15.57 -14.56 -24.66
CA MET A 85 -15.28 -15.59 -25.66
C MET A 85 -16.19 -15.49 -26.89
N ASP A 86 -17.29 -14.75 -26.80
CA ASP A 86 -18.08 -14.38 -27.96
C ASP A 86 -17.24 -13.66 -29.01
N ASP A 87 -16.20 -12.90 -28.62
CA ASP A 87 -15.30 -12.29 -29.61
C ASP A 87 -14.31 -13.35 -30.11
N GLN A 88 -14.46 -13.78 -31.37
CA GLN A 88 -13.67 -14.91 -31.84
C GLN A 88 -12.20 -14.56 -32.01
N ARG A 89 -11.79 -13.31 -31.81
CA ARG A 89 -10.35 -13.05 -31.83
C ARG A 89 -9.72 -13.56 -30.53
N VAL A 90 -10.50 -13.83 -29.50
CA VAL A 90 -9.93 -14.13 -28.19
C VAL A 90 -9.46 -15.56 -28.03
N HIS A 91 -8.19 -15.73 -27.63
CA HIS A 91 -7.67 -17.10 -27.55
C HIS A 91 -8.15 -17.75 -26.26
N ALA A 92 -8.16 -16.95 -25.21
CA ALA A 92 -8.59 -17.43 -23.91
C ALA A 92 -8.90 -16.27 -23.00
N VAL A 93 -9.56 -16.59 -21.88
CA VAL A 93 -9.85 -15.48 -20.97
C VAL A 93 -9.72 -15.97 -19.54
N GLU A 94 -9.36 -15.12 -18.61
CA GLU A 94 -9.48 -15.55 -17.20
C GLU A 94 -10.22 -14.45 -16.46
N VAL A 95 -11.26 -14.75 -15.74
CA VAL A 95 -12.00 -13.73 -14.99
C VAL A 95 -11.90 -14.06 -13.51
N ALA A 96 -11.29 -13.14 -12.76
CA ALA A 96 -11.22 -13.33 -11.31
C ALA A 96 -12.35 -12.52 -10.69
N VAL A 97 -13.23 -13.22 -9.97
CA VAL A 97 -14.26 -12.52 -9.23
C VAL A 97 -13.83 -12.55 -7.76
N HIS A 98 -13.46 -11.39 -7.23
CA HIS A 98 -13.11 -11.29 -5.81
C HIS A 98 -14.31 -10.88 -4.95
N LYS A 99 -14.37 -11.45 -3.74
CA LYS A 99 -15.41 -11.08 -2.79
C LYS A 99 -14.69 -10.69 -1.49
N PRO A 100 -13.99 -9.55 -1.48
CA PRO A 100 -13.14 -9.18 -0.33
C PRO A 100 -13.94 -8.91 0.93
N GLN A 101 -15.27 -8.77 0.81
CA GLN A 101 -16.06 -8.54 2.02
C GLN A 101 -16.91 -9.76 2.39
N ALA A 102 -16.45 -10.90 1.92
CA ALA A 102 -17.12 -12.17 2.20
C ALA A 102 -17.36 -12.29 3.69
N PRO A 103 -18.60 -12.51 4.08
CA PRO A 103 -18.90 -12.56 5.50
C PRO A 103 -18.46 -13.91 6.05
N ILE A 104 -17.20 -13.96 6.42
CA ILE A 104 -16.62 -15.10 7.15
C ILE A 104 -15.96 -14.54 8.40
N PRO A 105 -15.94 -15.27 9.51
CA PRO A 105 -15.50 -14.70 10.79
C PRO A 105 -13.98 -14.61 10.85
N GLN A 106 -13.32 -15.37 10.00
CA GLN A 106 -11.85 -15.31 9.97
C GLN A 106 -11.39 -13.98 9.42
N THR A 107 -10.17 -13.53 9.68
CA THR A 107 -9.52 -12.38 9.09
C THR A 107 -8.69 -12.73 7.86
N PHE A 108 -8.95 -12.09 6.73
CA PHE A 108 -8.26 -12.44 5.49
C PHE A 108 -8.30 -11.29 4.50
N ASP A 109 -7.33 -11.24 3.59
CA ASP A 109 -7.35 -10.07 2.70
C ASP A 109 -8.40 -10.22 1.59
N ASP A 110 -8.48 -11.44 1.05
CA ASP A 110 -9.33 -11.63 -0.13
C ASP A 110 -9.69 -13.09 -0.35
N VAL A 111 -10.84 -13.28 -1.03
CA VAL A 111 -11.17 -14.61 -1.54
C VAL A 111 -11.76 -14.41 -2.93
N ALA A 112 -11.51 -15.35 -3.83
CA ALA A 112 -11.91 -15.12 -5.22
C ALA A 112 -12.01 -16.44 -5.93
N VAL A 113 -12.77 -16.46 -7.02
CA VAL A 113 -12.66 -17.58 -7.94
C VAL A 113 -12.08 -17.03 -9.25
N VAL A 114 -11.40 -17.91 -10.00
CA VAL A 114 -10.87 -17.51 -11.30
C VAL A 114 -11.43 -18.47 -12.35
N ILE A 115 -12.21 -17.94 -13.27
CA ILE A 115 -12.81 -18.81 -14.28
C ILE A 115 -12.00 -18.65 -15.56
N ARG A 116 -11.52 -19.77 -16.09
CA ARG A 116 -10.72 -19.78 -17.31
C ARG A 116 -11.48 -20.44 -18.46
N ARG A 117 -11.45 -19.75 -19.61
CA ARG A 117 -12.03 -20.30 -20.83
C ARG A 117 -11.04 -20.16 -21.97
N SER A 118 -11.07 -21.12 -22.89
CA SER A 118 -10.10 -21.03 -23.97
C SER A 118 -10.60 -21.84 -25.15
N ARG A 119 -10.00 -21.64 -26.32
CA ARG A 119 -10.59 -22.37 -27.46
C ARG A 119 -10.31 -23.86 -27.35
N ALA B 2 7.15 -28.01 -7.42
CA ALA B 2 6.54 -26.74 -7.07
C ALA B 2 6.41 -26.53 -5.56
N ASP B 3 6.78 -27.52 -4.73
CA ASP B 3 7.32 -27.22 -3.40
C ASP B 3 8.46 -26.20 -3.49
N ARG B 4 8.35 -25.16 -2.67
CA ARG B 4 9.39 -24.13 -2.69
C ARG B 4 9.42 -23.32 -1.40
N ILE B 5 10.57 -22.70 -1.21
CA ILE B 5 10.77 -21.69 -0.17
C ILE B 5 10.92 -20.30 -0.77
N GLU B 6 10.18 -19.33 -0.21
CA GLU B 6 10.24 -17.98 -0.77
C GLU B 6 10.65 -16.94 0.26
N LEU B 7 11.72 -16.21 0.01
CA LEU B 7 12.12 -15.10 0.87
C LEU B 7 11.85 -13.81 0.09
N ARG B 8 11.24 -12.80 0.71
CA ARG B 8 10.83 -11.65 -0.10
C ARG B 8 11.18 -10.33 0.58
N GLY B 9 11.74 -9.39 -0.19
CA GLY B 9 11.94 -8.03 0.30
C GLY B 9 13.08 -7.94 1.29
N LEU B 10 14.06 -8.82 1.22
CA LEU B 10 15.25 -8.71 2.09
C LEU B 10 16.01 -7.44 1.73
N THR B 11 16.07 -6.55 2.70
CA THR B 11 16.49 -5.16 2.47
C THR B 11 17.84 -4.94 3.11
N VAL B 12 18.83 -4.54 2.28
CA VAL B 12 20.20 -4.51 2.69
C VAL B 12 20.96 -3.36 2.05
N HIS B 13 21.63 -2.54 2.85
CA HIS B 13 22.38 -1.45 2.20
C HIS B 13 23.63 -2.05 1.57
N GLY B 14 23.98 -1.64 0.37
CA GLY B 14 25.15 -2.18 -0.31
C GLY B 14 25.78 -1.11 -1.19
N ARG B 15 26.84 -1.49 -1.92
CA ARG B 15 27.55 -0.51 -2.75
C ARG B 15 27.83 -0.99 -4.17
N HIS B 16 26.90 -1.74 -4.74
CA HIS B 16 27.09 -2.22 -6.11
C HIS B 16 26.77 -1.08 -7.06
N GLY B 17 27.41 -1.13 -8.23
CA GLY B 17 27.24 -0.08 -9.22
C GLY B 17 28.41 0.03 -10.19
N VAL B 18 28.14 0.40 -11.44
CA VAL B 18 29.26 0.52 -12.35
C VAL B 18 30.04 1.81 -12.15
N TYR B 19 29.46 2.84 -11.55
CA TYR B 19 30.23 4.08 -11.43
C TYR B 19 30.77 4.31 -10.03
N ALA B 20 31.95 4.93 -9.99
CA ALA B 20 32.60 5.19 -8.70
C ALA B 20 31.66 5.94 -7.76
N HIS B 21 30.99 6.97 -8.25
CA HIS B 21 30.11 7.76 -7.39
C HIS B 21 29.08 6.90 -6.66
N GLU B 22 28.74 5.73 -7.16
CA GLU B 22 27.74 4.88 -6.54
C GLU B 22 28.27 4.09 -5.36
N ARG B 23 29.59 3.91 -5.30
CA ARG B 23 30.12 3.11 -4.18
C ARG B 23 30.55 4.03 -3.06
N VAL B 24 30.53 5.34 -3.32
CA VAL B 24 30.83 6.26 -2.23
C VAL B 24 29.88 6.10 -1.05
N ALA B 25 28.57 6.21 -1.24
CA ALA B 25 27.67 6.12 -0.08
C ALA B 25 26.78 4.90 -0.20
N GLY B 26 26.74 4.28 -1.38
CA GLY B 26 25.93 3.06 -1.54
C GLY B 26 24.45 3.37 -1.59
N GLN B 27 23.62 2.34 -1.52
CA GLN B 27 22.17 2.48 -1.68
C GLN B 27 21.48 1.19 -1.21
N ARG B 28 20.15 1.25 -1.14
CA ARG B 28 19.32 0.14 -0.71
C ARG B 28 19.16 -0.87 -1.83
N PHE B 29 19.39 -2.12 -1.50
CA PHE B 29 19.05 -3.23 -2.38
C PHE B 29 17.96 -4.08 -1.72
N VAL B 30 17.11 -4.63 -2.57
CA VAL B 30 16.08 -5.55 -2.07
C VAL B 30 16.17 -6.89 -2.81
N ILE B 31 16.18 -7.97 -2.02
CA ILE B 31 16.42 -9.29 -2.55
C ILE B 31 15.26 -10.24 -2.28
N ASP B 32 14.91 -10.96 -3.36
CA ASP B 32 13.99 -12.09 -3.25
C ASP B 32 14.72 -13.39 -3.62
N VAL B 33 14.42 -14.47 -2.90
CA VAL B 33 15.01 -15.78 -3.25
C VAL B 33 13.86 -16.80 -3.27
N THR B 34 13.75 -17.59 -4.35
CA THR B 34 12.85 -18.71 -4.45
C THR B 34 13.67 -20.00 -4.65
N VAL B 35 13.50 -20.98 -3.77
CA VAL B 35 14.18 -22.25 -3.75
C VAL B 35 13.20 -23.39 -4.04
N TRP B 36 13.33 -24.04 -5.20
CA TRP B 36 12.57 -25.25 -5.47
C TRP B 36 13.32 -26.47 -4.92
N ILE B 37 12.58 -27.16 -4.03
CA ILE B 37 13.15 -28.31 -3.32
C ILE B 37 11.98 -29.17 -2.85
N ASP B 38 12.18 -30.46 -2.76
CA ASP B 38 11.09 -31.30 -2.25
C ASP B 38 10.95 -31.16 -0.74
N LEU B 39 9.74 -30.85 -0.27
CA LEU B 39 9.54 -30.58 1.15
C LEU B 39 8.71 -31.64 1.85
N ALA B 40 8.48 -32.77 1.21
CA ALA B 40 7.63 -33.80 1.81
C ALA B 40 8.30 -34.47 3.00
N GLU B 41 9.62 -34.69 2.89
CA GLU B 41 10.40 -35.35 3.94
C GLU B 41 10.40 -34.50 5.21
N ALA B 42 10.57 -33.18 5.01
CA ALA B 42 10.56 -32.27 6.16
C ALA B 42 9.19 -32.23 6.85
N ALA B 43 8.11 -32.33 6.08
CA ALA B 43 6.78 -32.38 6.68
C ALA B 43 6.61 -33.73 7.37
N ASN B 44 7.21 -34.76 6.75
CA ASN B 44 7.11 -36.08 7.36
C ASN B 44 7.70 -36.07 8.77
N SER B 45 8.92 -35.56 8.88
CA SER B 45 9.70 -35.65 10.11
C SER B 45 9.54 -34.45 11.03
N ASP B 46 9.08 -33.30 10.54
CA ASP B 46 9.08 -32.06 11.29
C ASP B 46 10.46 -31.67 11.83
N ASP B 47 11.51 -32.05 11.11
CA ASP B 47 12.89 -31.83 11.51
C ASP B 47 13.63 -30.87 10.58
N LEU B 48 14.16 -29.78 11.13
CA LEU B 48 14.79 -28.73 10.33
C LEU B 48 15.84 -29.29 9.42
N ALA B 49 16.48 -30.39 9.80
CA ALA B 49 17.56 -30.88 8.91
C ALA B 49 17.00 -31.37 7.59
N ASP B 50 15.70 -31.69 7.51
CA ASP B 50 15.20 -32.25 6.25
C ASP B 50 14.71 -31.16 5.29
N THR B 51 14.90 -29.90 5.67
CA THR B 51 14.60 -28.83 4.73
C THR B 51 15.78 -27.85 4.61
N TYR B 52 15.56 -26.78 3.83
CA TYR B 52 16.55 -25.72 3.70
C TYR B 52 16.21 -24.63 4.71
N ASP B 53 17.05 -24.34 5.68
CA ASP B 53 16.78 -23.36 6.73
C ASP B 53 16.65 -21.93 6.20
N TYR B 54 15.49 -21.25 6.35
CA TYR B 54 15.28 -19.89 5.84
C TYR B 54 16.24 -18.92 6.54
N VAL B 55 16.49 -19.30 7.82
CA VAL B 55 17.34 -18.38 8.59
C VAL B 55 18.72 -18.22 7.98
N ARG B 56 19.35 -19.31 7.54
CA ARG B 56 20.69 -19.10 6.97
C ARG B 56 20.57 -18.66 5.52
N LEU B 57 19.46 -18.97 4.86
CA LEU B 57 19.18 -18.35 3.57
C LEU B 57 19.32 -16.83 3.63
N ALA B 58 18.61 -16.24 4.57
CA ALA B 58 18.57 -14.78 4.69
C ALA B 58 19.90 -14.19 5.12
N SER B 59 20.55 -14.82 6.09
CA SER B 59 21.89 -14.46 6.53
C SER B 59 22.90 -14.38 5.40
N ARG B 60 23.02 -15.50 4.66
CA ARG B 60 24.04 -15.54 3.63
C ARG B 60 23.74 -14.53 2.54
N ALA B 61 22.47 -14.42 2.17
CA ALA B 61 22.11 -13.44 1.14
C ALA B 61 22.50 -12.03 1.56
N ALA B 62 22.18 -11.69 2.82
CA ALA B 62 22.45 -10.32 3.28
C ALA B 62 23.94 -10.08 3.32
N GLU B 63 24.70 -11.09 3.74
CA GLU B 63 26.15 -10.93 3.81
C GLU B 63 26.70 -10.65 2.42
N ILE B 64 26.19 -11.39 1.43
CA ILE B 64 26.69 -11.22 0.06
C ILE B 64 26.34 -9.83 -0.45
N VAL B 65 25.12 -9.38 -0.18
CA VAL B 65 24.70 -8.05 -0.67
C VAL B 65 25.48 -6.95 0.03
N ALA B 66 25.75 -7.14 1.33
CA ALA B 66 26.51 -6.09 2.01
C ALA B 66 28.02 -6.21 1.82
N GLY B 67 28.48 -7.18 1.07
CA GLY B 67 29.86 -7.59 0.87
C GLY B 67 30.63 -6.81 -0.18
N PRO B 68 31.70 -7.39 -0.72
CA PRO B 68 32.50 -6.74 -1.76
C PRO B 68 31.61 -6.21 -2.87
N PRO B 69 31.70 -4.92 -3.17
CA PRO B 69 30.87 -4.34 -4.23
C PRO B 69 31.19 -4.90 -5.60
N ARG B 70 30.16 -5.10 -6.40
CA ARG B 70 30.26 -5.50 -7.79
C ARG B 70 29.73 -4.34 -8.65
N LYS B 71 30.08 -4.38 -9.93
CA LYS B 71 29.60 -3.39 -10.88
C LYS B 71 28.12 -3.65 -11.13
N LEU B 72 27.82 -4.91 -11.43
CA LEU B 72 26.50 -5.39 -11.78
C LEU B 72 25.74 -6.16 -10.71
N ILE B 73 24.42 -5.87 -10.68
CA ILE B 73 23.58 -6.67 -9.79
C ILE B 73 23.47 -8.09 -10.31
N GLU B 74 23.71 -8.31 -11.59
CA GLU B 74 23.81 -9.64 -12.15
C GLU B 74 24.76 -10.52 -11.35
N THR B 75 25.90 -9.93 -11.03
CA THR B 75 26.94 -10.71 -10.37
C THR B 75 26.53 -11.08 -8.94
N VAL B 76 25.90 -10.15 -8.28
CA VAL B 76 25.40 -10.35 -6.91
C VAL B 76 24.39 -11.48 -6.95
N GLY B 77 23.45 -11.44 -7.90
CA GLY B 77 22.46 -12.52 -7.88
C GLY B 77 23.11 -13.86 -8.17
N ALA B 78 24.10 -13.87 -9.06
CA ALA B 78 24.75 -15.12 -9.45
C ALA B 78 25.40 -15.83 -8.28
N GLU B 79 26.03 -15.02 -7.42
CA GLU B 79 26.71 -15.47 -6.23
C GLU B 79 25.74 -16.05 -5.22
N ILE B 80 24.61 -15.37 -4.97
CA ILE B 80 23.62 -15.91 -4.06
C ILE B 80 23.02 -17.20 -4.63
N ALA B 81 22.70 -17.21 -5.93
CA ALA B 81 22.11 -18.38 -6.56
C ALA B 81 23.03 -19.59 -6.48
N ASP B 82 24.31 -19.34 -6.74
CA ASP B 82 25.27 -20.46 -6.71
C ASP B 82 25.41 -21.00 -5.29
N HIS B 83 25.28 -20.08 -4.33
CA HIS B 83 25.41 -20.54 -2.94
C HIS B 83 24.30 -21.53 -2.64
N VAL B 84 23.08 -21.17 -3.07
CA VAL B 84 21.92 -21.98 -2.76
C VAL B 84 22.04 -23.37 -3.38
N MET B 85 22.59 -23.39 -4.60
CA MET B 85 22.69 -24.64 -5.34
C MET B 85 23.71 -25.58 -4.69
N ASP B 86 24.48 -25.08 -3.74
CA ASP B 86 25.50 -25.83 -2.98
C ASP B 86 24.80 -26.99 -2.30
N ASP B 87 23.52 -26.80 -1.97
CA ASP B 87 22.71 -27.87 -1.38
C ASP B 87 22.15 -28.76 -2.48
N GLN B 88 22.62 -30.00 -2.54
CA GLN B 88 22.31 -30.95 -3.59
C GLN B 88 20.84 -31.31 -3.61
N ARG B 89 20.07 -30.97 -2.56
CA ARG B 89 18.63 -31.24 -2.65
C ARG B 89 17.92 -30.24 -3.52
N VAL B 90 18.52 -29.09 -3.80
CA VAL B 90 17.79 -28.00 -4.47
C VAL B 90 17.58 -28.30 -5.95
N HIS B 91 16.34 -28.22 -6.43
CA HIS B 91 16.14 -28.48 -7.85
C HIS B 91 16.52 -27.28 -8.72
N ALA B 92 16.21 -26.09 -8.22
CA ALA B 92 16.41 -24.83 -8.92
C ALA B 92 16.25 -23.66 -7.98
N VAL B 93 16.81 -22.52 -8.35
CA VAL B 93 16.62 -21.32 -7.53
C VAL B 93 16.44 -20.12 -8.45
N GLU B 94 15.73 -19.11 -7.97
CA GLU B 94 15.80 -17.81 -8.65
C GLU B 94 16.06 -16.75 -7.58
N VAL B 95 16.99 -15.87 -7.87
CA VAL B 95 17.30 -14.74 -7.01
C VAL B 95 16.99 -13.44 -7.73
N ALA B 96 16.14 -12.63 -7.08
CA ALA B 96 15.84 -11.33 -7.67
C ALA B 96 16.60 -10.25 -6.92
N VAL B 97 17.43 -9.51 -7.64
CA VAL B 97 18.15 -8.42 -7.03
C VAL B 97 17.54 -7.11 -7.51
N HIS B 98 16.90 -6.38 -6.59
CA HIS B 98 16.22 -5.13 -6.91
C HIS B 98 17.08 -3.93 -6.49
N LYS B 99 17.04 -2.89 -7.31
CA LYS B 99 17.73 -1.62 -7.09
C LYS B 99 16.71 -0.49 -7.16
N PRO B 100 15.82 -0.38 -6.19
CA PRO B 100 14.68 0.54 -6.29
C PRO B 100 15.11 2.01 -6.24
N GLN B 101 16.34 2.32 -5.85
CA GLN B 101 16.82 3.69 -5.81
C GLN B 101 17.89 3.98 -6.87
N ALA B 102 17.93 3.16 -7.90
CA ALA B 102 18.87 3.27 -9.00
C ALA B 102 18.86 4.73 -9.44
N PRO B 103 20.04 5.31 -9.55
CA PRO B 103 20.11 6.73 -9.86
C PRO B 103 19.98 6.95 -11.37
N ILE B 104 18.74 7.00 -11.83
CA ILE B 104 18.41 7.31 -13.22
C ILE B 104 17.43 8.48 -13.16
N PRO B 105 17.41 9.31 -14.18
CA PRO B 105 16.60 10.54 -14.08
C PRO B 105 15.10 10.26 -14.28
N GLN B 106 14.72 9.12 -14.83
CA GLN B 106 13.29 8.81 -14.92
C GLN B 106 12.66 8.49 -13.57
N THR B 107 11.34 8.49 -13.52
CA THR B 107 10.51 8.20 -12.34
C THR B 107 9.96 6.79 -12.49
N PHE B 108 10.32 5.85 -11.63
CA PHE B 108 9.91 4.46 -11.78
C PHE B 108 9.80 3.80 -10.41
N ASP B 109 9.09 2.68 -10.28
CA ASP B 109 8.97 2.07 -8.96
C ASP B 109 10.13 1.16 -8.60
N ASP B 110 10.64 0.39 -9.57
CA ASP B 110 11.69 -0.56 -9.32
C ASP B 110 12.40 -1.00 -10.58
N VAL B 111 13.63 -1.46 -10.38
CA VAL B 111 14.36 -2.11 -11.48
C VAL B 111 15.09 -3.30 -10.86
N ALA B 112 15.18 -4.40 -11.56
CA ALA B 112 15.75 -5.62 -10.95
C ALA B 112 16.29 -6.56 -12.02
N VAL B 113 17.12 -7.51 -11.60
CA VAL B 113 17.50 -8.64 -12.43
C VAL B 113 17.15 -9.94 -11.73
N VAL B 114 16.82 -10.98 -12.47
CA VAL B 114 16.46 -12.27 -11.86
C VAL B 114 17.35 -13.36 -12.45
N ILE B 115 18.09 -14.00 -11.55
CA ILE B 115 19.04 -15.01 -11.95
C ILE B 115 18.47 -16.36 -11.62
N ARG B 116 18.47 -17.25 -12.61
CA ARG B 116 18.01 -18.61 -12.38
C ARG B 116 19.12 -19.63 -12.59
N ARG B 117 19.20 -20.59 -11.68
CA ARG B 117 20.08 -21.76 -11.76
C ARG B 117 19.28 -23.03 -11.54
N SER B 118 19.63 -24.13 -12.25
CA SER B 118 18.90 -25.33 -11.91
C SER B 118 19.63 -26.57 -12.38
N ARG B 119 18.96 -27.71 -12.28
CA ARG B 119 19.43 -28.91 -12.99
C ARG B 119 19.71 -28.64 -14.45
N ALA C 2 15.66 -18.85 -16.23
CA ALA C 2 14.67 -17.85 -16.63
C ALA C 2 15.27 -16.47 -16.38
N ASP C 3 16.54 -16.33 -16.76
CA ASP C 3 17.23 -15.04 -16.53
C ASP C 3 16.42 -13.91 -17.15
N ARG C 4 16.20 -12.85 -16.36
CA ARG C 4 15.53 -11.69 -16.96
C ARG C 4 15.87 -10.40 -16.25
N ILE C 5 15.59 -9.30 -16.93
CA ILE C 5 15.68 -7.95 -16.38
C ILE C 5 14.27 -7.38 -16.29
N GLU C 6 13.96 -6.78 -15.15
CA GLU C 6 12.61 -6.30 -14.95
C GLU C 6 12.61 -4.83 -14.56
N LEU C 7 11.96 -4.03 -15.39
CA LEU C 7 11.73 -2.63 -15.02
C LEU C 7 10.26 -2.45 -14.65
N ARG C 8 9.91 -1.82 -13.54
CA ARG C 8 8.52 -1.72 -13.12
C ARG C 8 8.11 -0.28 -12.80
N GLY C 9 6.91 0.11 -13.23
CA GLY C 9 6.30 1.35 -12.79
C GLY C 9 6.91 2.59 -13.41
N LEU C 10 7.51 2.45 -14.59
CA LEU C 10 8.05 3.64 -15.26
C LEU C 10 6.90 4.62 -15.55
N THR C 11 6.92 5.80 -14.95
CA THR C 11 5.79 6.73 -14.99
C THR C 11 6.06 7.94 -15.85
N VAL C 12 5.27 8.15 -16.90
CA VAL C 12 5.53 9.15 -17.92
C VAL C 12 4.22 9.75 -18.39
N HIS C 13 4.19 11.08 -18.43
CA HIS C 13 3.08 11.81 -19.00
C HIS C 13 3.10 11.67 -20.53
N GLY C 14 1.96 11.31 -21.11
CA GLY C 14 1.89 11.26 -22.57
C GLY C 14 0.49 11.62 -23.05
N ARG C 15 0.25 11.49 -24.35
CA ARG C 15 -0.99 11.97 -24.97
C ARG C 15 -1.64 10.96 -25.90
N HIS C 16 -1.44 9.68 -25.66
CA HIS C 16 -2.11 8.64 -26.45
C HIS C 16 -3.58 8.62 -26.11
N GLY C 17 -4.43 8.18 -27.04
CA GLY C 17 -5.86 8.15 -26.80
C GLY C 17 -6.62 8.15 -28.11
N VAL C 18 -7.69 7.36 -28.19
CA VAL C 18 -8.46 7.33 -29.44
C VAL C 18 -9.14 8.66 -29.68
N ALA C 19 -9.49 9.42 -28.65
CA ALA C 19 -10.21 10.65 -28.99
C ALA C 19 -9.36 11.90 -28.80
N ALA C 20 -9.65 12.87 -29.66
CA ALA C 20 -9.03 14.18 -29.67
C ALA C 20 -9.02 14.80 -28.27
N HIS C 21 -10.15 14.73 -27.58
CA HIS C 21 -10.25 15.37 -26.27
C HIS C 21 -9.16 14.88 -25.33
N GLU C 22 -8.71 13.65 -25.53
CA GLU C 22 -7.67 13.00 -24.75
C GLU C 22 -6.28 13.46 -25.11
N ARG C 23 -6.09 14.11 -26.25
CA ARG C 23 -4.71 14.55 -26.58
C ARG C 23 -4.52 16.01 -26.24
N VAL C 24 -5.60 16.60 -25.73
CA VAL C 24 -5.55 18.02 -25.38
C VAL C 24 -4.61 18.25 -24.20
N ALA C 25 -4.80 17.51 -23.13
CA ALA C 25 -4.01 17.63 -21.91
C ALA C 25 -3.15 16.40 -21.65
N GLY C 26 -3.52 15.25 -22.20
CA GLY C 26 -2.79 14.01 -22.00
C GLY C 26 -3.05 13.38 -20.64
N GLN C 27 -2.25 12.39 -20.25
CA GLN C 27 -2.50 11.73 -18.97
C GLN C 27 -1.27 10.90 -18.59
N ARG C 28 -1.34 10.27 -17.42
CA ARG C 28 -0.27 9.45 -16.89
C ARG C 28 -0.22 8.05 -17.48
N PHE C 29 0.93 7.64 -18.03
CA PHE C 29 1.10 6.27 -18.48
C PHE C 29 2.10 5.56 -17.56
N VAL C 30 1.93 4.26 -17.35
CA VAL C 30 2.88 3.54 -16.52
C VAL C 30 3.33 2.31 -17.30
N ILE C 31 4.66 2.13 -17.36
CA ILE C 31 5.23 1.08 -18.19
C ILE C 31 6.02 0.06 -17.39
N ASP C 32 5.80 -1.23 -17.69
CA ASP C 32 6.63 -2.31 -17.21
C ASP C 32 7.33 -3.00 -18.39
N VAL C 33 8.57 -3.42 -18.19
CA VAL C 33 9.25 -4.12 -19.27
C VAL C 33 9.96 -5.30 -18.64
N THR C 34 9.85 -6.47 -19.22
CA THR C 34 10.60 -7.62 -18.76
C THR C 34 11.41 -8.13 -19.95
N VAL C 35 12.69 -8.30 -19.76
CA VAL C 35 13.58 -8.73 -20.85
C VAL C 35 14.20 -10.08 -20.51
N TRP C 36 13.93 -11.09 -21.32
CA TRP C 36 14.54 -12.41 -21.13
C TRP C 36 15.82 -12.48 -21.95
N ILE C 37 16.92 -12.73 -21.25
CA ILE C 37 18.25 -12.74 -21.84
C ILE C 37 19.17 -13.51 -20.90
N ASP C 38 20.11 -14.25 -21.45
CA ASP C 38 21.06 -15.02 -20.65
C ASP C 38 22.00 -14.05 -19.95
N LEU C 39 22.08 -14.13 -18.63
CA LEU C 39 22.84 -13.21 -17.77
C LEU C 39 24.10 -13.84 -17.21
N ALA C 40 24.39 -15.08 -17.56
CA ALA C 40 25.55 -15.72 -16.94
C ALA C 40 26.88 -15.11 -17.40
N GLU C 41 26.94 -14.70 -18.66
CA GLU C 41 28.22 -14.11 -19.10
C GLU C 41 28.54 -12.87 -18.29
N ALA C 42 27.50 -12.06 -18.06
CA ALA C 42 27.66 -10.78 -17.37
C ALA C 42 28.02 -10.97 -15.91
N ALA C 43 27.50 -12.02 -15.27
CA ALA C 43 27.90 -12.30 -13.89
C ALA C 43 29.34 -12.78 -13.87
N ASN C 44 29.76 -13.45 -14.95
CA ASN C 44 31.15 -13.89 -15.05
C ASN C 44 32.12 -12.76 -15.29
N SER C 45 31.75 -11.74 -16.08
CA SER C 45 32.70 -10.66 -16.36
C SER C 45 32.50 -9.42 -15.49
N ASP C 46 31.30 -9.26 -14.96
CA ASP C 46 30.91 -8.07 -14.20
C ASP C 46 31.08 -6.80 -15.04
N ASP C 47 30.93 -6.98 -16.34
CA ASP C 47 30.98 -6.03 -17.43
C ASP C 47 29.61 -5.68 -18.00
N LEU C 48 29.21 -4.42 -17.87
CA LEU C 48 27.91 -3.90 -18.34
C LEU C 48 27.73 -4.34 -19.79
N ALA C 49 28.81 -4.34 -20.57
CA ALA C 49 28.64 -4.65 -21.99
C ALA C 49 28.05 -6.05 -22.20
N ASP C 50 28.17 -6.93 -21.21
CA ASP C 50 27.68 -8.29 -21.35
C ASP C 50 26.22 -8.44 -20.95
N THR C 51 25.57 -7.34 -20.57
CA THR C 51 24.16 -7.38 -20.22
C THR C 51 23.37 -6.28 -20.93
N TYR C 52 22.08 -6.18 -20.64
CA TYR C 52 21.19 -5.15 -21.15
C TYR C 52 21.12 -4.03 -20.11
N ASP C 53 21.65 -2.86 -20.48
CA ASP C 53 21.70 -1.69 -19.60
C ASP C 53 20.31 -1.19 -19.24
N TYR C 54 19.93 -1.30 -17.97
CA TYR C 54 18.56 -0.97 -17.54
C TYR C 54 18.34 0.53 -17.76
N VAL C 55 19.46 1.26 -17.70
CA VAL C 55 19.38 2.73 -17.77
C VAL C 55 18.82 3.17 -19.12
N ARG C 56 19.36 2.59 -20.19
CA ARG C 56 18.94 2.90 -21.56
C ARG C 56 17.59 2.26 -21.86
N LEU C 57 17.30 1.15 -21.17
CA LEU C 57 15.95 0.59 -21.25
C LEU C 57 14.96 1.66 -20.79
N ALA C 58 15.20 2.23 -19.62
CA ALA C 58 14.26 3.20 -19.06
C ALA C 58 14.14 4.45 -19.92
N SER C 59 15.30 4.89 -20.43
CA SER C 59 15.30 6.16 -21.16
C SER C 59 14.48 6.02 -22.44
N ARG C 60 14.73 4.94 -23.18
CA ARG C 60 14.08 4.72 -24.47
C ARG C 60 12.59 4.53 -24.26
N ALA C 61 12.21 3.74 -23.26
CA ALA C 61 10.77 3.60 -23.01
C ALA C 61 10.14 4.95 -22.70
N ALA C 62 10.74 5.79 -21.87
CA ALA C 62 10.16 7.07 -21.51
C ALA C 62 10.04 7.96 -22.74
N GLU C 63 11.06 7.99 -23.58
CA GLU C 63 11.04 8.84 -24.78
C GLU C 63 9.87 8.45 -25.68
N ILE C 64 9.65 7.12 -25.80
CA ILE C 64 8.58 6.68 -26.70
C ILE C 64 7.26 7.15 -26.13
N VAL C 65 7.09 6.95 -24.82
CA VAL C 65 5.77 7.30 -24.28
C VAL C 65 5.52 8.80 -24.41
N ALA C 66 6.58 9.59 -24.27
CA ALA C 66 6.32 11.04 -24.32
C ALA C 66 6.39 11.59 -25.74
N GLY C 67 6.53 10.72 -26.72
CA GLY C 67 6.75 11.15 -28.09
C GLY C 67 5.41 11.30 -28.81
N PRO C 68 5.40 11.14 -30.12
CA PRO C 68 4.18 11.28 -30.91
C PRO C 68 3.05 10.40 -30.38
N PRO C 69 1.91 11.06 -30.23
CA PRO C 69 0.72 10.36 -29.76
C PRO C 69 0.28 9.28 -30.73
N ARG C 70 -0.20 8.19 -30.19
CA ARG C 70 -0.88 7.09 -30.82
C ARG C 70 -2.31 6.99 -30.29
N LYS C 71 -3.21 6.41 -31.10
CA LYS C 71 -4.58 6.11 -30.64
C LYS C 71 -4.56 4.98 -29.62
N LEU C 72 -3.77 3.94 -29.89
CA LEU C 72 -3.77 2.77 -29.01
C LEU C 72 -2.50 2.58 -28.19
N ILE C 73 -2.73 2.11 -26.95
CA ILE C 73 -1.56 1.79 -26.15
C ILE C 73 -0.90 0.52 -26.71
N GLU C 74 -1.67 -0.24 -27.48
CA GLU C 74 -1.09 -1.37 -28.19
C GLU C 74 0.12 -0.97 -29.02
N THR C 75 0.00 0.15 -29.69
CA THR C 75 1.01 0.62 -30.62
C THR C 75 2.26 1.12 -29.92
N VAL C 76 2.04 1.77 -28.78
CA VAL C 76 3.09 2.24 -27.90
C VAL C 76 3.88 1.04 -27.41
N GLY C 77 3.10 0.05 -26.95
CA GLY C 77 3.77 -1.13 -26.40
C GLY C 77 4.60 -1.85 -27.43
N ALA C 78 4.08 -1.90 -28.65
CA ALA C 78 4.81 -2.54 -29.73
C ALA C 78 6.10 -1.81 -30.07
N GLU C 79 6.03 -0.47 -30.09
CA GLU C 79 7.24 0.25 -30.44
C GLU C 79 8.29 -0.03 -29.37
N ILE C 80 7.91 -0.08 -28.09
CA ILE C 80 8.95 -0.31 -27.07
C ILE C 80 9.50 -1.73 -27.21
N ALA C 81 8.59 -2.69 -27.33
CA ALA C 81 9.02 -4.07 -27.51
C ALA C 81 9.92 -4.29 -28.71
N ASP C 82 9.59 -3.64 -29.82
CA ASP C 82 10.41 -3.80 -31.02
C ASP C 82 11.78 -3.19 -30.80
N HIS C 83 11.83 -2.14 -30.00
CA HIS C 83 13.13 -1.50 -29.72
C HIS C 83 14.02 -2.44 -28.92
N VAL C 84 13.40 -3.06 -27.90
CA VAL C 84 14.14 -4.03 -27.11
C VAL C 84 14.71 -5.15 -27.97
N MET C 85 13.90 -5.63 -28.92
CA MET C 85 14.30 -6.78 -29.72
C MET C 85 15.41 -6.39 -30.69
N ASP C 86 15.67 -5.11 -30.88
CA ASP C 86 16.83 -4.72 -31.69
C ASP C 86 18.12 -5.36 -31.19
N ASP C 87 18.19 -5.63 -29.89
CA ASP C 87 19.35 -6.30 -29.27
C ASP C 87 19.20 -7.79 -29.56
N GLN C 88 20.07 -8.36 -30.40
CA GLN C 88 19.85 -9.71 -30.88
C GLN C 88 20.05 -10.71 -29.76
N ARG C 89 20.67 -10.31 -28.66
CA ARG C 89 20.86 -11.20 -27.51
C ARG C 89 19.54 -11.51 -26.82
N VAL C 90 18.54 -10.66 -26.97
CA VAL C 90 17.27 -10.81 -26.23
C VAL C 90 16.43 -11.95 -26.77
N HIS C 91 16.06 -12.90 -25.89
CA HIS C 91 15.25 -14.03 -26.31
C HIS C 91 13.79 -13.60 -26.52
N ALA C 92 13.26 -12.80 -25.60
CA ALA C 92 11.88 -12.33 -25.65
C ALA C 92 11.72 -11.12 -24.74
N VAL C 93 10.71 -10.32 -25.01
CA VAL C 93 10.39 -9.17 -24.18
C VAL C 93 8.88 -9.14 -23.96
N GLU C 94 8.49 -8.54 -22.85
CA GLU C 94 7.09 -8.24 -22.59
C GLU C 94 7.02 -6.80 -22.07
N VAL C 95 6.21 -5.99 -22.73
CA VAL C 95 6.02 -4.59 -22.41
C VAL C 95 4.59 -4.32 -21.96
N ALA C 96 4.38 -3.93 -20.71
CA ALA C 96 3.02 -3.68 -20.22
C ALA C 96 2.78 -2.18 -20.33
N VAL C 97 1.77 -1.76 -21.07
CA VAL C 97 1.44 -0.33 -21.07
C VAL C 97 0.17 -0.14 -20.26
N HIS C 98 0.27 0.47 -19.09
CA HIS C 98 -0.83 0.82 -18.19
C HIS C 98 -1.38 2.23 -18.42
N LYS C 99 -2.70 2.35 -18.32
CA LYS C 99 -3.39 3.64 -18.45
C LYS C 99 -4.28 3.81 -17.23
N PRO C 100 -3.74 4.01 -16.05
CA PRO C 100 -4.54 3.92 -14.83
C PRO C 100 -5.57 5.04 -14.74
N GLN C 101 -5.44 6.06 -15.57
CA GLN C 101 -6.38 7.17 -15.52
C GLN C 101 -7.33 7.16 -16.72
N ALA C 102 -7.44 6.05 -17.41
CA ALA C 102 -8.34 5.89 -18.55
C ALA C 102 -9.72 6.47 -18.26
N PRO C 103 -10.16 7.34 -19.15
CA PRO C 103 -11.46 8.01 -19.03
C PRO C 103 -12.56 6.99 -19.30
N ILE C 104 -12.94 6.32 -18.24
CA ILE C 104 -13.92 5.26 -18.16
C ILE C 104 -14.92 5.56 -17.05
N PRO C 105 -16.22 5.51 -17.27
CA PRO C 105 -17.13 5.90 -16.17
C PRO C 105 -17.07 4.92 -15.03
N GLN C 106 -16.46 3.75 -15.24
CA GLN C 106 -16.36 2.85 -14.10
C GLN C 106 -15.23 3.16 -13.14
N THR C 107 -15.25 2.52 -11.96
CA THR C 107 -14.19 2.61 -10.95
C THR C 107 -13.32 1.37 -10.99
N PHE C 108 -12.05 1.53 -11.31
CA PHE C 108 -11.15 0.38 -11.42
C PHE C 108 -9.74 0.80 -11.05
N ASP C 109 -8.87 -0.19 -10.81
CA ASP C 109 -7.53 0.19 -10.40
C ASP C 109 -6.59 0.47 -11.56
N ASP C 110 -6.71 -0.34 -12.59
CA ASP C 110 -5.79 -0.30 -13.72
C ASP C 110 -6.37 -0.93 -14.96
N VAL C 111 -5.97 -0.48 -16.12
CA VAL C 111 -6.20 -1.18 -17.39
C VAL C 111 -4.89 -1.10 -18.19
N ALA C 112 -4.55 -2.18 -18.87
CA ALA C 112 -3.27 -2.28 -19.55
C ALA C 112 -3.35 -3.25 -20.72
N VAL C 113 -2.36 -3.09 -21.59
CA VAL C 113 -2.09 -4.10 -22.59
C VAL C 113 -0.66 -4.58 -22.37
N VAL C 114 -0.40 -5.84 -22.66
CA VAL C 114 0.93 -6.44 -22.60
C VAL C 114 1.28 -6.98 -23.99
N ILE C 115 2.32 -6.42 -24.56
CA ILE C 115 2.83 -6.81 -25.87
C ILE C 115 4.07 -7.68 -25.67
N ARG C 116 3.98 -8.85 -26.30
CA ARG C 116 5.02 -9.84 -26.30
C ARG C 116 5.69 -9.99 -27.67
N ARG C 117 7.01 -10.03 -27.63
CA ARG C 117 7.83 -10.33 -28.78
C ARG C 117 8.85 -11.40 -28.37
N SER C 118 9.23 -12.23 -29.32
CA SER C 118 10.08 -13.36 -28.95
C SER C 118 10.74 -13.93 -30.17
N ARG C 119 11.97 -14.46 -30.06
CA ARG C 119 12.58 -15.10 -31.22
C ARG C 119 13.05 -16.50 -30.85
N ALA D 2 -7.19 -23.87 -15.93
CA ALA D 2 -6.74 -22.97 -14.88
C ALA D 2 -7.89 -22.51 -13.98
N ASP D 3 -9.08 -23.12 -14.07
CA ASP D 3 -10.10 -22.73 -13.07
C ASP D 3 -9.58 -22.91 -11.66
N ARG D 4 -9.78 -21.92 -10.79
CA ARG D 4 -9.28 -22.13 -9.43
C ARG D 4 -9.98 -21.26 -8.41
N ILE D 5 -9.80 -21.64 -7.14
CA ILE D 5 -10.25 -20.80 -6.02
C ILE D 5 -9.03 -20.24 -5.31
N GLU D 6 -9.05 -18.96 -4.95
CA GLU D 6 -7.85 -18.40 -4.32
C GLU D 6 -8.25 -17.68 -3.04
N LEU D 7 -7.78 -18.18 -1.91
CA LEU D 7 -7.89 -17.56 -0.60
C LEU D 7 -6.57 -16.84 -0.33
N ARG D 8 -6.58 -15.57 0.04
CA ARG D 8 -5.34 -14.83 0.18
C ARG D 8 -5.25 -14.10 1.52
N GLY D 9 -4.14 -14.22 2.23
CA GLY D 9 -4.00 -13.35 3.40
C GLY D 9 -4.73 -13.81 4.65
N LEU D 10 -5.07 -15.09 4.75
CA LEU D 10 -5.70 -15.65 5.94
C LEU D 10 -4.74 -15.48 7.09
N THR D 11 -5.17 -14.69 8.07
CA THR D 11 -4.26 -14.25 9.13
C THR D 11 -4.63 -14.86 10.46
N VAL D 12 -3.74 -15.68 11.04
CA VAL D 12 -4.10 -16.45 12.22
C VAL D 12 -2.91 -16.50 13.16
N HIS D 13 -3.15 -16.17 14.44
CA HIS D 13 -2.08 -16.34 15.43
C HIS D 13 -1.79 -17.81 15.66
N GLY D 14 -0.52 -18.23 15.71
CA GLY D 14 -0.17 -19.63 15.87
C GLY D 14 1.12 -19.81 16.63
N ARG D 15 1.52 -21.05 16.91
CA ARG D 15 2.69 -21.20 17.78
C ARG D 15 3.79 -22.08 17.23
N HIS D 16 3.91 -22.23 15.93
CA HIS D 16 4.93 -22.96 15.21
C HIS D 16 6.27 -22.27 15.27
N GLY D 17 7.33 -23.07 15.33
CA GLY D 17 8.70 -22.59 15.37
C GLY D 17 9.64 -23.65 15.89
N VAL D 18 10.89 -23.60 15.42
CA VAL D 18 11.81 -24.64 15.91
C VAL D 18 12.24 -24.37 17.34
N TYR D 19 12.26 -23.11 17.77
CA TYR D 19 12.79 -22.79 19.09
C TYR D 19 11.73 -22.26 20.04
N ALA D 20 11.94 -22.54 21.33
CA ALA D 20 11.12 -22.88 22.49
C ALA D 20 10.57 -21.47 22.63
N HIS D 21 11.43 -20.48 22.41
CA HIS D 21 11.07 -19.08 22.59
C HIS D 21 9.81 -18.72 21.78
N GLU D 22 9.62 -19.38 20.65
CA GLU D 22 8.55 -19.11 19.71
C GLU D 22 7.24 -19.81 20.06
N ARG D 23 7.26 -20.74 21.00
CA ARG D 23 6.10 -21.45 21.53
C ARG D 23 5.50 -20.69 22.70
N VAL D 24 6.29 -19.84 23.34
CA VAL D 24 5.80 -19.11 24.51
C VAL D 24 4.65 -18.21 24.10
N ALA D 25 4.82 -17.23 23.21
CA ALA D 25 3.69 -16.36 22.87
C ALA D 25 3.19 -16.55 21.46
N GLY D 26 3.86 -17.28 20.59
CA GLY D 26 3.32 -17.44 19.24
C GLY D 26 3.61 -16.21 18.41
N GLN D 27 3.12 -16.19 17.19
CA GLN D 27 3.30 -15.09 16.27
C GLN D 27 2.24 -15.10 15.18
N ARG D 28 2.19 -14.06 14.34
CA ARG D 28 1.24 -14.03 13.23
C ARG D 28 1.70 -14.95 12.10
N PHE D 29 0.79 -15.79 11.63
CA PHE D 29 0.98 -16.58 10.42
C PHE D 29 0.00 -16.09 9.35
N VAL D 30 0.40 -16.08 8.09
CA VAL D 30 -0.52 -15.65 7.03
C VAL D 30 -0.60 -16.78 5.99
N ILE D 31 -1.79 -17.19 5.61
CA ILE D 31 -1.95 -18.33 4.72
C ILE D 31 -2.63 -17.96 3.41
N ASP D 32 -2.05 -18.51 2.32
CA ASP D 32 -2.72 -18.46 1.03
C ASP D 32 -3.06 -19.88 0.59
N VAL D 33 -4.22 -20.07 -0.06
CA VAL D 33 -4.51 -21.41 -0.59
C VAL D 33 -4.95 -21.22 -2.03
N THR D 34 -4.38 -21.98 -2.95
CA THR D 34 -4.94 -21.95 -4.30
C THR D 34 -5.43 -23.35 -4.65
N VAL D 35 -6.68 -23.47 -5.04
CA VAL D 35 -7.29 -24.75 -5.34
C VAL D 35 -7.60 -24.83 -6.84
N TRP D 36 -6.99 -25.77 -7.55
CA TRP D 36 -7.28 -25.99 -8.96
C TRP D 36 -8.40 -27.02 -9.02
N ILE D 37 -9.52 -26.58 -9.60
CA ILE D 37 -10.70 -27.46 -9.64
C ILE D 37 -11.54 -26.97 -10.81
N ASP D 38 -12.27 -27.89 -11.43
CA ASP D 38 -13.17 -27.47 -12.51
C ASP D 38 -14.46 -26.92 -11.93
N LEU D 39 -14.75 -25.66 -12.25
CA LEU D 39 -15.87 -24.90 -11.72
C LEU D 39 -17.01 -24.77 -12.72
N ALA D 40 -16.87 -25.41 -13.88
CA ALA D 40 -17.91 -25.21 -14.89
C ALA D 40 -19.28 -25.71 -14.43
N GLU D 41 -19.33 -26.84 -13.74
CA GLU D 41 -20.66 -27.34 -13.33
C GLU D 41 -21.28 -26.41 -12.30
N ALA D 42 -20.46 -25.90 -11.39
CA ALA D 42 -20.95 -24.98 -10.35
C ALA D 42 -21.48 -23.72 -11.03
N ALA D 43 -20.81 -23.30 -12.11
CA ALA D 43 -21.33 -22.14 -12.81
C ALA D 43 -22.67 -22.48 -13.47
N ASN D 44 -22.85 -23.76 -13.83
CA ASN D 44 -24.06 -24.16 -14.55
C ASN D 44 -25.26 -24.38 -13.64
N SER D 45 -25.03 -24.86 -12.43
CA SER D 45 -26.10 -25.12 -11.47
C SER D 45 -26.32 -23.97 -10.49
N ASP D 46 -25.30 -23.15 -10.28
CA ASP D 46 -25.31 -22.15 -9.22
C ASP D 46 -25.56 -22.79 -7.85
N ASP D 47 -25.08 -24.01 -7.68
CA ASP D 47 -25.25 -24.81 -6.47
C ASP D 47 -23.94 -24.95 -5.74
N LEU D 48 -23.87 -24.48 -4.48
CA LEU D 48 -22.63 -24.54 -3.70
C LEU D 48 -22.10 -25.97 -3.57
N ALA D 49 -22.97 -26.96 -3.57
CA ALA D 49 -22.46 -28.33 -3.47
C ALA D 49 -21.57 -28.72 -4.63
N ASP D 50 -21.75 -28.01 -5.73
CA ASP D 50 -20.98 -28.21 -6.96
C ASP D 50 -19.63 -27.53 -6.92
N THR D 51 -19.32 -26.83 -5.83
CA THR D 51 -17.96 -26.27 -5.77
C THR D 51 -17.35 -26.59 -4.41
N TYR D 52 -16.13 -26.11 -4.19
CA TYR D 52 -15.45 -26.15 -2.91
C TYR D 52 -15.81 -24.88 -2.14
N ASP D 53 -16.47 -25.03 -1.01
CA ASP D 53 -16.96 -23.91 -0.22
C ASP D 53 -15.83 -23.12 0.42
N TYR D 54 -15.64 -21.84 0.07
CA TYR D 54 -14.50 -21.07 0.54
C TYR D 54 -14.63 -20.93 2.05
N VAL D 55 -15.89 -20.96 2.53
CA VAL D 55 -16.08 -20.73 3.96
C VAL D 55 -15.37 -21.79 4.79
N ARG D 56 -15.48 -23.03 4.32
CA ARG D 56 -14.90 -24.17 5.03
C ARG D 56 -13.42 -24.32 4.67
N LEU D 57 -13.07 -23.81 3.50
CA LEU D 57 -11.64 -23.70 3.17
C LEU D 57 -10.96 -22.87 4.24
N ALA D 58 -11.42 -21.63 4.43
CA ALA D 58 -10.83 -20.77 5.43
C ALA D 58 -10.87 -21.29 6.85
N SER D 59 -11.99 -21.89 7.25
CA SER D 59 -12.14 -22.32 8.64
C SER D 59 -11.15 -23.44 8.95
N ARG D 60 -11.07 -24.42 8.03
CA ARG D 60 -10.18 -25.56 8.38
C ARG D 60 -8.72 -25.13 8.31
N ALA D 61 -8.36 -24.32 7.32
CA ALA D 61 -7.00 -23.79 7.31
C ALA D 61 -6.75 -23.03 8.59
N ALA D 62 -7.70 -22.21 9.06
CA ALA D 62 -7.34 -21.46 10.27
C ALA D 62 -7.25 -22.37 11.49
N GLU D 63 -8.12 -23.36 11.62
CA GLU D 63 -8.09 -24.34 12.72
C GLU D 63 -6.74 -25.04 12.83
N ILE D 64 -6.20 -25.44 11.68
CA ILE D 64 -4.89 -26.11 11.66
C ILE D 64 -3.81 -25.12 12.06
N VAL D 65 -3.83 -23.90 11.50
CA VAL D 65 -2.75 -22.96 11.85
C VAL D 65 -2.77 -22.67 13.34
N ALA D 66 -3.98 -22.55 13.88
CA ALA D 66 -4.14 -22.26 15.30
C ALA D 66 -3.96 -23.50 16.16
N GLY D 67 -3.82 -24.67 15.57
CA GLY D 67 -3.79 -25.97 16.22
C GLY D 67 -2.50 -26.36 16.89
N PRO D 68 -2.27 -27.64 17.11
CA PRO D 68 -1.00 -28.13 17.67
C PRO D 68 0.20 -27.54 16.93
N PRO D 69 1.13 -27.04 17.75
CA PRO D 69 2.33 -26.39 17.22
C PRO D 69 3.23 -27.41 16.53
N ARG D 70 3.80 -27.06 15.38
CA ARG D 70 4.78 -27.84 14.68
C ARG D 70 6.12 -27.11 14.66
N LYS D 71 7.25 -27.79 14.48
CA LYS D 71 8.51 -27.03 14.35
C LYS D 71 8.57 -26.19 13.08
N LEU D 72 8.21 -26.80 11.97
CA LEU D 72 8.30 -26.30 10.63
C LEU D 72 6.98 -25.87 9.99
N ILE D 73 7.02 -24.77 9.23
CA ILE D 73 5.82 -24.37 8.52
C ILE D 73 5.55 -25.36 7.39
N GLU D 74 6.58 -26.08 6.99
CA GLU D 74 6.43 -27.16 6.01
C GLU D 74 5.35 -28.15 6.43
N THR D 75 5.41 -28.52 7.70
CA THR D 75 4.45 -29.47 8.26
C THR D 75 3.02 -28.95 8.26
N VAL D 76 2.90 -27.69 8.66
CA VAL D 76 1.61 -27.02 8.66
C VAL D 76 1.04 -26.99 7.25
N GLY D 77 1.88 -26.60 6.30
CA GLY D 77 1.38 -26.45 4.94
C GLY D 77 1.01 -27.80 4.38
N ALA D 78 1.77 -28.86 4.69
CA ALA D 78 1.38 -30.18 4.19
C ALA D 78 0.04 -30.67 4.73
N GLU D 79 -0.30 -30.35 5.97
CA GLU D 79 -1.53 -30.79 6.60
C GLU D 79 -2.75 -30.10 5.97
N ILE D 80 -2.60 -28.79 5.75
CA ILE D 80 -3.63 -28.06 5.02
C ILE D 80 -3.76 -28.59 3.60
N ALA D 81 -2.66 -28.75 2.86
CA ALA D 81 -2.82 -29.26 1.50
C ALA D 81 -3.46 -30.63 1.45
N ASP D 82 -3.01 -31.56 2.29
CA ASP D 82 -3.63 -32.89 2.22
C ASP D 82 -5.11 -32.84 2.58
N HIS D 83 -5.51 -31.91 3.44
CA HIS D 83 -6.92 -31.75 3.76
C HIS D 83 -7.73 -31.36 2.53
N VAL D 84 -7.23 -30.33 1.83
CA VAL D 84 -7.89 -29.91 0.60
C VAL D 84 -7.98 -31.04 -0.41
N MET D 85 -6.92 -31.83 -0.56
CA MET D 85 -6.97 -32.91 -1.53
C MET D 85 -7.97 -34.00 -1.16
N ASP D 86 -8.51 -33.99 0.08
CA ASP D 86 -9.51 -35.02 0.36
C ASP D 86 -10.74 -34.84 -0.51
N ASP D 87 -10.94 -33.64 -1.08
CA ASP D 87 -12.00 -33.41 -2.06
C ASP D 87 -11.55 -33.96 -3.43
N GLN D 88 -12.06 -35.10 -3.87
CA GLN D 88 -11.54 -35.72 -5.07
C GLN D 88 -11.67 -34.86 -6.33
N ARG D 89 -12.46 -33.78 -6.27
CA ARG D 89 -12.60 -33.00 -7.50
C ARG D 89 -11.38 -32.11 -7.65
N VAL D 90 -10.64 -31.99 -6.55
CA VAL D 90 -9.49 -31.08 -6.58
C VAL D 90 -8.35 -31.67 -7.39
N HIS D 91 -7.88 -30.98 -8.43
CA HIS D 91 -6.79 -31.48 -9.26
C HIS D 91 -5.43 -31.28 -8.60
N ALA D 92 -5.25 -30.13 -7.96
CA ALA D 92 -4.05 -29.81 -7.21
C ALA D 92 -4.30 -28.65 -6.26
N VAL D 93 -3.39 -28.50 -5.31
CA VAL D 93 -3.51 -27.37 -4.39
C VAL D 93 -2.09 -26.87 -4.09
N GLU D 94 -2.01 -25.58 -3.84
CA GLU D 94 -0.78 -24.99 -3.35
C GLU D 94 -1.12 -24.27 -2.04
N VAL D 95 -0.39 -24.58 -0.98
CA VAL D 95 -0.65 -23.79 0.26
C VAL D 95 0.63 -23.07 0.65
N ALA D 96 0.52 -21.74 0.76
CA ALA D 96 1.68 -20.96 1.16
C ALA D 96 1.52 -20.56 2.62
N VAL D 97 2.45 -20.97 3.46
CA VAL D 97 2.46 -20.57 4.85
C VAL D 97 3.60 -19.55 5.04
N HIS D 98 3.16 -18.34 5.34
CA HIS D 98 3.97 -17.17 5.56
C HIS D 98 4.17 -16.90 7.06
N LYS D 99 5.37 -16.46 7.36
CA LYS D 99 5.86 -16.17 8.73
C LYS D 99 6.52 -14.81 8.70
N PRO D 100 5.71 -13.78 8.43
CA PRO D 100 6.20 -12.42 8.22
C PRO D 100 6.99 -11.86 9.39
N GLN D 101 6.83 -12.47 10.55
CA GLN D 101 7.38 -11.96 11.80
C GLN D 101 8.46 -12.91 12.32
N ALA D 102 8.94 -13.71 11.39
CA ALA D 102 10.03 -14.65 11.66
C ALA D 102 11.12 -13.92 12.42
N PRO D 103 11.44 -14.41 13.60
CA PRO D 103 12.49 -13.72 14.36
C PRO D 103 13.90 -14.00 13.82
N ILE D 104 14.28 -13.24 12.82
CA ILE D 104 15.55 -13.17 12.12
C ILE D 104 16.09 -11.76 12.29
N PRO D 105 17.39 -11.55 12.40
CA PRO D 105 17.91 -10.19 12.64
C PRO D 105 17.84 -9.33 11.38
N GLN D 106 17.73 -9.98 10.23
CA GLN D 106 17.64 -9.24 8.97
C GLN D 106 16.34 -8.45 8.83
N THR D 107 16.33 -7.42 7.99
CA THR D 107 15.10 -6.72 7.66
C THR D 107 14.51 -7.23 6.35
N PHE D 108 13.25 -7.66 6.31
CA PHE D 108 12.67 -8.33 5.14
C PHE D 108 11.16 -8.26 5.15
N ASP D 109 10.51 -8.43 4.01
CA ASP D 109 9.06 -8.29 4.07
C ASP D 109 8.41 -9.58 4.52
N ASP D 110 8.83 -10.72 3.97
CA ASP D 110 8.14 -11.97 4.25
C ASP D 110 9.04 -13.18 4.04
N VAL D 111 8.75 -14.30 4.69
CA VAL D 111 9.39 -15.57 4.40
C VAL D 111 8.28 -16.63 4.42
N ALA D 112 8.39 -17.63 3.54
CA ALA D 112 7.32 -18.63 3.55
C ALA D 112 7.71 -19.91 2.82
N VAL D 113 6.85 -20.91 3.01
CA VAL D 113 6.95 -22.13 2.21
C VAL D 113 5.68 -22.29 1.39
N VAL D 114 5.91 -22.93 0.23
CA VAL D 114 4.73 -23.30 -0.55
C VAL D 114 4.72 -24.80 -0.76
N ILE D 115 3.68 -25.43 -0.27
CA ILE D 115 3.59 -26.88 -0.41
C ILE D 115 2.60 -27.23 -1.51
N ARG D 116 2.99 -28.09 -2.44
CA ARG D 116 2.13 -28.40 -3.56
C ARG D 116 1.72 -29.87 -3.47
N ARG D 117 0.42 -30.10 -3.72
CA ARG D 117 -0.05 -31.47 -3.89
C ARG D 117 -0.78 -31.56 -5.22
N SER D 118 -0.81 -32.75 -5.83
CA SER D 118 -1.52 -32.80 -7.11
C SER D 118 -1.82 -34.24 -7.46
N ARG D 119 -2.64 -34.49 -8.46
CA ARG D 119 -2.78 -35.87 -8.93
C ARG D 119 -2.28 -36.04 -10.35
N ALA E 2 -14.20 16.57 20.58
CA ALA E 2 -13.65 16.15 19.30
C ALA E 2 -14.39 14.94 18.73
N ASP E 3 -15.51 14.55 19.32
CA ASP E 3 -16.29 13.46 18.70
C ASP E 3 -16.54 13.70 17.22
N ARG E 4 -16.39 12.68 16.39
CA ARG E 4 -16.64 12.97 14.97
C ARG E 4 -17.00 11.72 14.18
N ILE E 5 -17.55 11.98 12.99
CA ILE E 5 -17.81 10.90 12.04
C ILE E 5 -16.88 11.11 10.85
N GLU E 6 -16.21 10.04 10.37
CA GLU E 6 -15.26 10.13 9.29
C GLU E 6 -15.62 9.16 8.18
N LEU E 7 -15.86 9.73 7.00
CA LEU E 7 -16.05 9.02 5.74
C LEU E 7 -14.80 9.29 4.92
N ARG E 8 -14.18 8.24 4.42
CA ARG E 8 -12.90 8.40 3.72
C ARG E 8 -12.95 7.64 2.40
N GLY E 9 -12.54 8.31 1.34
CA GLY E 9 -12.34 7.55 0.11
C GLY E 9 -13.59 7.37 -0.70
N LEU E 10 -14.62 8.20 -0.50
CA LEU E 10 -15.85 7.98 -1.27
C LEU E 10 -15.54 8.27 -2.73
N THR E 11 -15.62 7.30 -3.63
CA THR E 11 -15.09 7.44 -4.99
C THR E 11 -16.22 7.49 -5.99
N VAL E 12 -16.26 8.60 -6.73
CA VAL E 12 -17.41 8.85 -7.63
C VAL E 12 -16.93 9.48 -8.94
N HIS E 13 -17.43 8.97 -10.08
CA HIS E 13 -17.12 9.57 -11.37
C HIS E 13 -17.91 10.85 -11.61
N GLY E 14 -17.25 11.96 -11.98
CA GLY E 14 -17.94 13.23 -12.19
C GLY E 14 -17.29 13.99 -13.35
N ARG E 15 -17.76 15.17 -13.72
CA ARG E 15 -17.27 15.97 -14.84
C ARG E 15 -16.80 17.36 -14.44
N HIS E 16 -16.48 17.63 -13.19
CA HIS E 16 -16.02 18.95 -12.78
C HIS E 16 -14.73 19.30 -13.48
N GLY E 17 -14.51 20.60 -13.69
CA GLY E 17 -13.30 21.06 -14.37
C GLY E 17 -13.48 22.44 -14.97
N VAL E 18 -12.40 23.20 -15.12
CA VAL E 18 -12.49 24.56 -15.66
C VAL E 18 -12.56 24.54 -17.18
N TYR E 19 -11.81 23.72 -17.89
CA TYR E 19 -11.88 23.69 -19.36
C TYR E 19 -12.45 22.40 -19.93
N ASP E 20 -12.97 22.48 -21.15
CA ASP E 20 -14.23 21.89 -21.74
C ASP E 20 -13.72 20.47 -21.90
N HIS E 21 -12.43 20.30 -22.16
CA HIS E 21 -11.91 18.95 -22.37
C HIS E 21 -12.13 18.05 -21.16
N GLU E 22 -12.01 18.63 -19.97
CA GLU E 22 -12.20 17.92 -18.73
C GLU E 22 -13.63 17.42 -18.57
N ARG E 23 -14.54 18.04 -19.31
CA ARG E 23 -15.96 17.71 -19.13
C ARG E 23 -16.47 16.66 -20.09
N VAL E 24 -15.73 16.35 -21.17
CA VAL E 24 -16.28 15.37 -22.12
C VAL E 24 -16.47 13.99 -21.49
N ALA E 25 -15.41 13.48 -20.86
CA ALA E 25 -15.41 12.13 -20.32
C ALA E 25 -15.42 12.15 -18.80
N GLY E 26 -14.89 13.22 -18.20
CA GLY E 26 -15.00 13.28 -16.72
C GLY E 26 -13.89 12.50 -16.08
N GLN E 27 -13.88 12.29 -14.77
CA GLN E 27 -12.74 11.61 -14.15
C GLN E 27 -13.16 11.15 -12.76
N ARG E 28 -12.24 10.49 -12.06
CA ARG E 28 -12.55 10.01 -10.73
C ARG E 28 -12.37 11.12 -9.70
N PHE E 29 -13.36 11.29 -8.85
CA PHE E 29 -13.28 12.20 -7.74
C PHE E 29 -13.32 11.36 -6.46
N VAL E 30 -12.58 11.77 -5.45
CA VAL E 30 -12.52 11.02 -4.20
C VAL E 30 -12.82 11.98 -3.07
N ILE E 31 -13.80 11.64 -2.24
CA ILE E 31 -14.28 12.55 -1.21
C ILE E 31 -14.04 12.05 0.20
N ASP E 32 -13.58 12.92 1.10
CA ASP E 32 -13.60 12.70 2.53
C ASP E 32 -14.54 13.68 3.22
N VAL E 33 -15.22 13.20 4.25
CA VAL E 33 -16.07 14.07 5.06
C VAL E 33 -15.76 13.78 6.52
N THR E 34 -15.54 14.85 7.28
CA THR E 34 -15.41 14.72 8.72
C THR E 34 -16.47 15.60 9.37
N VAL E 35 -17.35 14.99 10.15
CA VAL E 35 -18.48 15.64 10.79
C VAL E 35 -18.23 15.68 12.30
N TRP E 36 -18.04 16.88 12.83
CA TRP E 36 -17.89 17.09 14.28
C TRP E 36 -19.28 17.26 14.88
N ILE E 37 -19.66 16.34 15.76
CA ILE E 37 -20.98 16.36 16.39
C ILE E 37 -20.86 15.63 17.72
N ASP E 38 -21.64 15.99 18.74
CA ASP E 38 -21.52 15.24 20.00
C ASP E 38 -22.17 13.86 19.87
N LEU E 39 -21.46 12.81 20.24
CA LEU E 39 -21.96 11.47 20.01
C LEU E 39 -22.31 10.77 21.32
N ALA E 40 -22.35 11.56 22.38
CA ALA E 40 -22.61 10.97 23.69
C ALA E 40 -24.02 10.40 23.78
N GLU E 41 -25.01 11.14 23.26
CA GLU E 41 -26.38 10.64 23.35
C GLU E 41 -26.58 9.40 22.50
N ALA E 42 -25.94 9.34 21.32
CA ALA E 42 -26.16 8.10 20.54
C ALA E 42 -25.53 6.89 21.26
N ALA E 43 -24.43 7.12 21.99
CA ALA E 43 -23.82 6.06 22.78
C ALA E 43 -24.78 5.67 23.90
N ASN E 44 -25.49 6.65 24.47
CA ASN E 44 -26.36 6.25 25.59
C ASN E 44 -27.64 5.60 25.08
N SER E 45 -28.21 6.04 23.96
CA SER E 45 -29.43 5.41 23.49
C SER E 45 -29.20 4.22 22.57
N ASP E 46 -28.08 4.14 21.88
CA ASP E 46 -27.85 3.17 20.82
C ASP E 46 -28.90 3.35 19.73
N ASP E 47 -29.41 4.55 19.54
CA ASP E 47 -30.49 4.81 18.60
C ASP E 47 -30.00 5.70 17.45
N LEU E 48 -30.11 5.24 16.22
CA LEU E 48 -29.57 5.94 15.05
C LEU E 48 -30.07 7.37 14.95
N ALA E 49 -31.31 7.67 15.35
CA ALA E 49 -31.73 9.06 15.21
C ALA E 49 -30.95 10.02 16.11
N ASP E 50 -30.18 9.52 17.05
CA ASP E 50 -29.41 10.39 17.93
C ASP E 50 -28.04 10.70 17.32
N THR E 51 -27.70 10.11 16.19
CA THR E 51 -26.42 10.45 15.54
C THR E 51 -26.68 10.86 14.10
N TYR E 52 -25.62 11.11 13.36
CA TYR E 52 -25.67 11.46 11.95
C TYR E 52 -25.48 10.19 11.12
N ASP E 53 -26.50 9.75 10.42
CA ASP E 53 -26.44 8.46 9.71
C ASP E 53 -25.43 8.48 8.58
N TYR E 54 -24.38 7.65 8.64
CA TYR E 54 -23.35 7.69 7.60
C TYR E 54 -23.94 7.29 6.23
N VAL E 55 -25.06 6.55 6.32
CA VAL E 55 -25.68 5.95 5.14
C VAL E 55 -26.18 7.09 4.26
N ARG E 56 -26.97 7.97 4.85
CA ARG E 56 -27.41 9.13 4.07
C ARG E 56 -26.26 10.08 3.77
N LEU E 57 -25.27 10.16 4.64
CA LEU E 57 -24.12 11.02 4.35
C LEU E 57 -23.48 10.60 3.03
N ALA E 58 -23.14 9.32 2.94
CA ALA E 58 -22.45 8.85 1.76
C ALA E 58 -23.29 8.96 0.51
N SER E 59 -24.61 8.76 0.60
CA SER E 59 -25.36 8.77 -0.67
C SER E 59 -25.57 10.20 -1.15
N ARG E 60 -25.85 11.09 -0.21
CA ARG E 60 -26.03 12.50 -0.63
C ARG E 60 -24.72 13.07 -1.12
N ALA E 61 -23.58 12.71 -0.50
CA ALA E 61 -22.32 13.26 -1.02
C ALA E 61 -22.11 12.74 -2.43
N ALA E 62 -22.39 11.45 -2.62
CA ALA E 62 -22.17 10.84 -3.95
C ALA E 62 -23.05 11.54 -4.97
N GLU E 63 -24.31 11.78 -4.64
CA GLU E 63 -25.20 12.51 -5.52
C GLU E 63 -24.68 13.86 -5.95
N ILE E 64 -24.16 14.62 -4.98
CA ILE E 64 -23.64 15.94 -5.38
C ILE E 64 -22.46 15.75 -6.32
N VAL E 65 -21.54 14.83 -6.02
CA VAL E 65 -20.34 14.72 -6.86
C VAL E 65 -20.64 14.20 -8.26
N ALA E 66 -21.60 13.28 -8.37
CA ALA E 66 -22.01 12.73 -9.65
C ALA E 66 -22.83 13.70 -10.49
N GLY E 67 -23.28 14.80 -9.88
CA GLY E 67 -24.29 15.64 -10.47
C GLY E 67 -23.78 16.59 -11.52
N PRO E 68 -24.57 17.60 -11.84
CA PRO E 68 -24.14 18.60 -12.84
C PRO E 68 -22.78 19.18 -12.48
N PRO E 69 -21.87 19.28 -13.44
CA PRO E 69 -20.52 19.70 -13.12
C PRO E 69 -20.38 21.16 -12.68
N ARG E 70 -19.42 21.34 -11.77
CA ARG E 70 -18.98 22.68 -11.38
C ARG E 70 -17.67 22.99 -12.05
N LYS E 71 -17.25 24.26 -12.07
CA LYS E 71 -15.89 24.49 -12.63
C LYS E 71 -14.84 24.09 -11.62
N LEU E 72 -15.06 24.51 -10.37
CA LEU E 72 -14.09 24.27 -9.32
C LEU E 72 -14.46 23.16 -8.35
N ILE E 73 -13.49 22.37 -7.87
CA ILE E 73 -13.84 21.43 -6.79
C ILE E 73 -14.14 22.15 -5.49
N GLU E 74 -13.67 23.38 -5.28
CA GLU E 74 -14.11 24.18 -4.16
C GLU E 74 -15.63 24.24 -4.09
N THR E 75 -16.29 24.39 -5.25
CA THR E 75 -17.75 24.62 -5.07
C THR E 75 -18.49 23.30 -4.87
N VAL E 76 -17.92 22.19 -5.31
CA VAL E 76 -18.45 20.88 -4.98
C VAL E 76 -18.36 20.64 -3.47
N GLY E 77 -17.20 20.93 -2.90
CA GLY E 77 -16.94 20.79 -1.47
C GLY E 77 -17.86 21.65 -0.64
N ALA E 78 -18.12 22.87 -1.11
CA ALA E 78 -19.01 23.77 -0.36
C ALA E 78 -20.45 23.26 -0.41
N GLU E 79 -20.83 22.58 -1.51
CA GLU E 79 -22.22 22.11 -1.54
C GLU E 79 -22.43 20.95 -0.58
N ILE E 80 -21.42 20.09 -0.50
CA ILE E 80 -21.49 18.98 0.47
C ILE E 80 -21.45 19.50 1.90
N ALA E 81 -20.57 20.46 2.19
CA ALA E 81 -20.47 21.01 3.54
C ALA E 81 -21.76 21.69 3.94
N ASP E 82 -22.36 22.43 3.01
CA ASP E 82 -23.58 23.14 3.44
C ASP E 82 -24.66 22.11 3.72
N HIS E 83 -24.61 20.99 3.00
CA HIS E 83 -25.64 19.96 3.22
C HIS E 83 -25.51 19.39 4.61
N VAL E 84 -24.28 19.08 4.99
CA VAL E 84 -24.06 18.52 6.32
C VAL E 84 -24.44 19.52 7.40
N MET E 85 -24.20 20.81 7.12
CA MET E 85 -24.53 21.79 8.18
C MET E 85 -26.02 22.03 8.36
N ASP E 86 -26.85 21.45 7.49
CA ASP E 86 -28.29 21.67 7.61
C ASP E 86 -28.76 20.93 8.87
N ASP E 87 -27.95 19.94 9.27
CA ASP E 87 -28.24 19.22 10.53
C ASP E 87 -27.74 20.03 11.74
N GLN E 88 -28.68 20.64 12.46
CA GLN E 88 -28.45 21.51 13.58
C GLN E 88 -27.45 20.96 14.61
N ARG E 89 -27.33 19.65 14.69
CA ARG E 89 -26.45 18.97 15.62
C ARG E 89 -24.99 19.11 15.25
N VAL E 90 -24.72 19.51 14.00
CA VAL E 90 -23.32 19.53 13.58
C VAL E 90 -22.62 20.81 14.01
N HIS E 91 -21.48 20.67 14.67
CA HIS E 91 -20.69 21.80 15.15
C HIS E 91 -19.84 22.39 14.02
N ALA E 92 -19.29 21.47 13.25
CA ALA E 92 -18.45 21.81 12.12
C ALA E 92 -18.32 20.62 11.19
N VAL E 93 -17.83 20.93 10.00
CA VAL E 93 -17.62 19.86 9.03
C VAL E 93 -16.41 20.23 8.18
N GLU E 94 -15.68 19.22 7.71
CA GLU E 94 -14.66 19.46 6.70
C GLU E 94 -14.87 18.48 5.55
N VAL E 95 -14.84 19.00 4.32
CA VAL E 95 -15.07 18.21 3.13
C VAL E 95 -13.83 18.30 2.26
N ALA E 96 -13.16 17.16 2.04
CA ALA E 96 -12.06 17.11 1.11
C ALA E 96 -12.55 16.56 -0.23
N VAL E 97 -12.36 17.38 -1.26
CA VAL E 97 -12.65 16.92 -2.63
C VAL E 97 -11.30 16.72 -3.33
N HIS E 98 -10.97 15.46 -3.64
CA HIS E 98 -9.71 15.11 -4.27
C HIS E 98 -9.91 14.85 -5.78
N LYS E 99 -8.92 15.32 -6.53
CA LYS E 99 -8.88 15.13 -7.97
C LYS E 99 -7.57 14.44 -8.34
N PRO E 100 -7.44 13.16 -7.99
CA PRO E 100 -6.18 12.45 -8.14
C PRO E 100 -5.85 12.16 -9.58
N GLN E 101 -6.77 12.35 -10.52
CA GLN E 101 -6.47 12.22 -11.93
C GLN E 101 -6.44 13.56 -12.66
N ALA E 102 -6.27 14.65 -11.93
CA ALA E 102 -6.28 15.99 -12.52
C ALA E 102 -5.32 16.02 -13.69
N PRO E 103 -5.75 16.53 -14.84
CA PRO E 103 -4.93 16.41 -16.03
C PRO E 103 -3.84 17.48 -16.07
N ILE E 104 -2.80 17.30 -15.27
CA ILE E 104 -1.64 18.17 -15.36
C ILE E 104 -0.39 17.38 -15.75
N PRO E 105 0.59 18.03 -16.39
CA PRO E 105 1.82 17.39 -16.83
C PRO E 105 2.75 16.81 -15.78
N GLN E 106 2.69 17.26 -14.53
CA GLN E 106 3.57 16.79 -13.48
C GLN E 106 3.14 15.41 -12.98
N THR E 107 4.05 14.68 -12.33
CA THR E 107 3.74 13.41 -11.70
C THR E 107 3.51 13.66 -10.21
N PHE E 108 2.34 13.34 -9.70
CA PHE E 108 1.96 13.69 -8.34
C PHE E 108 0.90 12.70 -7.85
N ASP E 109 0.83 12.48 -6.53
CA ASP E 109 -0.12 11.50 -6.04
C ASP E 109 -1.54 12.03 -5.97
N ASP E 110 -1.70 13.27 -5.49
CA ASP E 110 -3.03 13.80 -5.27
C ASP E 110 -3.07 15.32 -5.28
N VAL E 111 -4.22 15.89 -5.66
CA VAL E 111 -4.47 17.32 -5.42
C VAL E 111 -5.89 17.41 -4.90
N ALA E 112 -6.16 18.32 -3.98
CA ALA E 112 -7.45 18.41 -3.32
C ALA E 112 -7.67 19.82 -2.77
N VAL E 113 -8.92 20.13 -2.47
CA VAL E 113 -9.25 21.29 -1.65
C VAL E 113 -9.97 20.84 -0.40
N VAL E 114 -9.86 21.54 0.72
CA VAL E 114 -10.66 21.11 1.87
C VAL E 114 -11.56 22.28 2.26
N ILE E 115 -12.87 22.06 2.35
CA ILE E 115 -13.74 23.18 2.65
C ILE E 115 -14.22 22.97 4.08
N ARG E 116 -14.13 24.00 4.90
CA ARG E 116 -14.65 23.91 6.26
C ARG E 116 -15.81 24.86 6.54
N ARG E 117 -16.81 24.32 7.25
CA ARG E 117 -17.88 25.20 7.71
C ARG E 117 -17.99 25.05 9.22
N SER E 118 -18.42 26.06 9.93
CA SER E 118 -18.76 25.85 11.34
C SER E 118 -19.97 26.71 11.74
N ARG E 119 -20.57 26.39 12.89
CA ARG E 119 -21.74 27.19 13.25
C ARG E 119 -21.36 28.62 13.61
N ALA F 2 5.93 25.69 13.69
CA ALA F 2 5.82 24.52 12.82
C ALA F 2 6.95 24.25 11.85
N ASP F 3 7.98 25.01 11.56
CA ASP F 3 9.13 24.45 10.82
C ASP F 3 9.59 23.17 11.49
N ARG F 4 9.92 22.10 10.75
CA ARG F 4 10.35 20.85 11.38
C ARG F 4 11.08 19.94 10.40
N ILE F 5 11.85 19.03 10.98
CA ILE F 5 12.48 17.90 10.29
C ILE F 5 11.77 16.61 10.66
N GLU F 6 11.36 15.78 9.70
CA GLU F 6 10.64 14.55 9.95
C GLU F 6 11.38 13.35 9.39
N LEU F 7 11.72 12.40 10.27
CA LEU F 7 12.27 11.11 9.88
C LEU F 7 11.20 10.06 10.15
N ARG F 8 10.95 9.21 9.17
CA ARG F 8 9.87 8.23 9.27
C ARG F 8 10.30 6.83 8.88
N GLY F 9 9.89 5.85 9.68
CA GLY F 9 10.06 4.46 9.24
C GLY F 9 11.45 3.92 9.44
N LEU F 10 12.23 4.49 10.35
CA LEU F 10 13.60 4.02 10.61
C LEU F 10 13.57 2.61 11.20
N THR F 11 14.06 1.61 10.49
CA THR F 11 13.80 0.23 10.90
C THR F 11 15.05 -0.45 11.40
N VAL F 12 14.96 -0.96 12.62
CA VAL F 12 16.12 -1.46 13.37
C VAL F 12 15.68 -2.67 14.19
N HIS F 13 16.45 -3.75 14.06
CA HIS F 13 16.25 -4.91 14.91
C HIS F 13 16.72 -4.61 16.32
N GLY F 14 16.00 -5.04 17.36
CA GLY F 14 16.53 -4.74 18.70
C GLY F 14 15.97 -5.81 19.63
N ARG F 15 16.25 -5.72 20.92
CA ARG F 15 15.81 -6.78 21.82
C ARG F 15 14.97 -6.22 22.95
N HIS F 16 14.35 -5.06 22.79
CA HIS F 16 13.52 -4.51 23.87
C HIS F 16 12.33 -5.40 24.21
N GLY F 17 11.92 -5.37 25.48
CA GLY F 17 10.77 -6.17 25.90
C GLY F 17 10.71 -6.43 27.38
N VAL F 18 9.49 -6.50 27.91
CA VAL F 18 9.32 -6.76 29.34
C VAL F 18 9.62 -8.24 29.66
N TYR F 19 9.12 -9.16 28.86
CA TYR F 19 9.18 -10.59 29.13
C TYR F 19 10.22 -11.31 28.29
N ASP F 20 11.03 -12.13 28.95
CA ASP F 20 12.16 -12.94 28.96
C ASP F 20 12.14 -13.49 27.54
N HIS F 21 11.01 -14.01 27.07
CA HIS F 21 11.04 -14.64 25.74
C HIS F 21 11.41 -13.62 24.68
N GLU F 22 10.93 -12.38 24.83
CA GLU F 22 11.11 -11.31 23.85
C GLU F 22 12.58 -10.98 23.63
N ARG F 23 13.43 -11.41 24.55
CA ARG F 23 14.83 -11.04 24.47
C ARG F 23 15.69 -12.06 23.76
N VAL F 24 15.22 -13.31 23.59
CA VAL F 24 16.11 -14.31 23.00
C VAL F 24 16.48 -14.01 21.55
N ALA F 25 15.50 -13.70 20.71
CA ALA F 25 15.74 -13.41 19.31
C ALA F 25 15.54 -11.95 18.99
N GLY F 26 14.74 -11.25 19.80
CA GLY F 26 14.57 -9.83 19.40
C GLY F 26 13.51 -9.67 18.34
N GLN F 27 13.33 -8.45 17.82
CA GLN F 27 12.25 -8.18 16.87
C GLN F 27 12.50 -6.84 16.20
N ARG F 28 11.71 -6.56 15.16
CA ARG F 28 11.82 -5.32 14.42
C ARG F 28 11.22 -4.13 15.14
N PHE F 29 11.93 -3.04 15.28
CA PHE F 29 11.36 -1.81 15.82
C PHE F 29 11.36 -0.76 14.71
N VAL F 30 10.40 0.14 14.75
CA VAL F 30 10.33 1.17 13.72
C VAL F 30 10.17 2.53 14.38
N ILE F 31 11.05 3.46 14.07
CA ILE F 31 11.07 4.78 14.68
C ILE F 31 10.73 5.94 13.76
N ASP F 32 9.95 6.88 14.29
CA ASP F 32 9.78 8.17 13.66
C ASP F 32 10.31 9.24 14.62
N VAL F 33 10.93 10.26 14.05
CA VAL F 33 11.32 11.46 14.80
C VAL F 33 10.83 12.70 14.07
N THR F 34 10.32 13.65 14.83
CA THR F 34 9.89 14.98 14.37
C THR F 34 10.66 15.97 15.21
N VAL F 35 11.41 16.86 14.56
CA VAL F 35 12.20 17.86 15.25
C VAL F 35 11.74 19.28 14.95
N TRP F 36 11.18 19.97 15.96
CA TRP F 36 10.81 21.37 15.71
C TRP F 36 11.98 22.30 15.98
N ILE F 37 12.36 23.04 14.94
CA ILE F 37 13.52 23.91 14.97
C ILE F 37 13.36 24.98 13.87
N ASP F 38 13.71 26.24 14.15
CA ASP F 38 13.52 27.28 13.14
C ASP F 38 14.44 27.03 11.96
N LEU F 39 13.93 27.02 10.74
CA LEU F 39 14.76 26.66 9.59
C LEU F 39 15.01 27.86 8.70
N ALA F 40 14.67 29.04 9.18
CA ALA F 40 14.79 30.17 8.25
C ALA F 40 16.24 30.51 7.99
N GLU F 41 17.03 30.52 9.07
CA GLU F 41 18.44 30.85 8.86
C GLU F 41 19.06 29.84 7.90
N ALA F 42 18.70 28.57 8.06
CA ALA F 42 19.28 27.55 7.19
C ALA F 42 19.02 27.83 5.71
N ALA F 43 17.81 28.32 5.48
CA ALA F 43 17.36 28.51 4.10
C ALA F 43 18.09 29.71 3.53
N ASN F 44 18.49 30.59 4.44
CA ASN F 44 19.22 31.81 4.08
C ASN F 44 20.67 31.51 3.71
N SER F 45 21.35 30.65 4.47
CA SER F 45 22.75 30.35 4.20
C SER F 45 22.95 29.13 3.30
N ASP F 46 21.94 28.28 3.28
CA ASP F 46 22.09 26.99 2.58
C ASP F 46 23.26 26.20 3.17
N ASP F 47 23.55 26.43 4.46
CA ASP F 47 24.66 25.80 5.17
C ASP F 47 24.14 24.78 6.18
N LEU F 48 24.58 23.55 6.07
CA LEU F 48 24.19 22.46 6.95
C LEU F 48 24.37 22.80 8.43
N ALA F 49 25.34 23.63 8.74
CA ALA F 49 25.60 24.01 10.13
C ALA F 49 24.44 24.74 10.78
N ASP F 50 23.62 25.38 9.96
CA ASP F 50 22.47 26.15 10.47
C ASP F 50 21.22 25.31 10.67
N THR F 51 21.29 24.01 10.39
CA THR F 51 20.10 23.18 10.63
C THR F 51 20.47 21.94 11.42
N TYR F 52 19.54 21.05 11.66
CA TYR F 52 19.75 19.79 12.38
C TYR F 52 20.04 18.68 11.37
N ASP F 53 21.27 18.15 11.33
CA ASP F 53 21.64 17.18 10.30
C ASP F 53 20.91 15.85 10.39
N TYR F 54 20.08 15.51 9.39
CA TYR F 54 19.26 14.30 9.48
C TYR F 54 20.14 13.07 9.53
N VAL F 55 21.37 13.15 8.99
CA VAL F 55 22.05 11.83 8.89
C VAL F 55 22.61 11.48 10.25
N ARG F 56 23.01 12.49 11.02
CA ARG F 56 23.41 12.12 12.39
C ARG F 56 22.18 11.74 13.19
N LEU F 57 21.04 12.37 12.89
CA LEU F 57 19.81 11.96 13.58
C LEU F 57 19.50 10.48 13.37
N ALA F 58 19.57 9.98 12.13
CA ALA F 58 19.22 8.57 11.90
C ALA F 58 20.27 7.64 12.49
N SER F 59 21.56 7.99 12.37
CA SER F 59 22.63 7.17 12.89
C SER F 59 22.46 7.04 14.39
N ARG F 60 22.27 8.14 15.12
CA ARG F 60 22.19 8.01 16.59
C ARG F 60 20.87 7.35 16.97
N ALA F 61 19.76 7.65 16.28
CA ALA F 61 18.53 6.94 16.68
C ALA F 61 18.69 5.43 16.48
N ALA F 62 19.30 5.02 15.37
CA ALA F 62 19.49 3.59 15.13
C ALA F 62 20.33 2.93 16.22
N GLU F 63 21.44 3.56 16.56
CA GLU F 63 22.36 3.05 17.59
C GLU F 63 21.62 2.84 18.90
N ILE F 64 20.72 3.77 19.20
CA ILE F 64 20.00 3.68 20.48
C ILE F 64 19.09 2.46 20.44
N VAL F 65 18.35 2.33 19.33
CA VAL F 65 17.41 1.21 19.25
C VAL F 65 18.09 -0.14 19.25
N ALA F 66 19.29 -0.21 18.70
CA ALA F 66 20.03 -1.43 18.46
C ALA F 66 20.91 -1.79 19.65
N GLY F 67 21.03 -0.86 20.59
CA GLY F 67 21.84 -0.99 21.78
C GLY F 67 21.22 -1.89 22.83
N PRO F 68 21.72 -1.80 24.06
CA PRO F 68 21.28 -2.70 25.14
C PRO F 68 19.78 -2.54 25.33
N PRO F 69 19.07 -3.64 25.51
CA PRO F 69 17.60 -3.55 25.58
C PRO F 69 17.04 -2.91 26.85
N ARG F 70 15.90 -2.24 26.71
CA ARG F 70 15.05 -1.78 27.80
C ARG F 70 13.85 -2.74 27.87
N LYS F 71 13.09 -2.60 28.94
CA LYS F 71 11.86 -3.34 29.12
C LYS F 71 10.76 -2.68 28.29
N LEU F 72 10.71 -1.36 28.39
CA LEU F 72 9.70 -0.59 27.68
C LEU F 72 10.23 0.18 26.48
N ILE F 73 9.33 0.39 25.52
CA ILE F 73 9.60 1.23 24.35
C ILE F 73 9.54 2.69 24.76
N GLU F 74 8.77 2.98 25.81
CA GLU F 74 8.80 4.34 26.34
C GLU F 74 10.23 4.79 26.64
N THR F 75 11.09 3.90 27.17
CA THR F 75 12.39 4.43 27.63
C THR F 75 13.32 4.54 26.43
N VAL F 76 13.12 3.69 25.43
CA VAL F 76 13.89 3.87 24.19
C VAL F 76 13.58 5.22 23.56
N GLY F 77 12.29 5.53 23.47
CA GLY F 77 11.86 6.77 22.84
C GLY F 77 12.36 7.95 23.65
N ALA F 78 12.26 7.89 24.97
CA ALA F 78 12.80 9.02 25.75
C ALA F 78 14.30 9.22 25.58
N GLU F 79 15.05 8.12 25.39
CA GLU F 79 16.48 8.24 25.18
C GLU F 79 16.76 8.95 23.86
N ILE F 80 16.04 8.57 22.80
CA ILE F 80 16.19 9.30 21.53
C ILE F 80 15.80 10.77 21.66
N ALA F 81 14.65 11.06 22.26
CA ALA F 81 14.18 12.43 22.46
C ALA F 81 15.15 13.27 23.25
N ASP F 82 15.72 12.69 24.32
CA ASP F 82 16.66 13.47 25.14
C ASP F 82 17.90 13.84 24.32
N HIS F 83 18.34 12.89 23.50
CA HIS F 83 19.47 13.13 22.61
C HIS F 83 19.18 14.28 21.68
N VAL F 84 17.94 14.31 21.16
CA VAL F 84 17.68 15.42 20.22
C VAL F 84 17.65 16.75 20.95
N MET F 85 17.10 16.78 22.16
CA MET F 85 17.01 18.08 22.88
C MET F 85 18.39 18.56 23.31
N ASP F 86 19.41 17.71 23.20
CA ASP F 86 20.76 18.16 23.55
C ASP F 86 21.22 19.27 22.61
N ASP F 87 20.59 19.42 21.44
CA ASP F 87 20.85 20.53 20.54
C ASP F 87 20.00 21.73 20.96
N GLN F 88 20.58 22.80 21.51
CA GLN F 88 19.74 23.80 22.15
C GLN F 88 18.95 24.67 21.18
N ARG F 89 19.11 24.43 19.90
CA ARG F 89 18.31 25.12 18.89
C ARG F 89 16.94 24.48 18.70
N VAL F 90 16.81 23.22 19.08
CA VAL F 90 15.57 22.48 19.03
C VAL F 90 14.56 22.99 20.07
N HIS F 91 13.35 23.32 19.58
CA HIS F 91 12.20 23.77 20.36
C HIS F 91 11.48 22.62 21.08
N ALA F 92 11.35 21.51 20.36
CA ALA F 92 10.50 20.40 20.76
C ALA F 92 10.80 19.20 19.88
N VAL F 93 10.43 18.00 20.32
CA VAL F 93 10.70 16.78 19.54
C VAL F 93 9.59 15.80 19.91
N GLU F 94 9.16 15.03 18.92
CA GLU F 94 8.33 13.85 19.16
C GLU F 94 9.01 12.62 18.55
N VAL F 95 9.13 11.58 19.36
CA VAL F 95 9.73 10.30 18.93
C VAL F 95 8.67 9.21 19.00
N ALA F 96 8.38 8.54 17.90
CA ALA F 96 7.42 7.41 17.97
C ALA F 96 8.20 6.10 17.88
N VAL F 97 8.02 5.23 18.87
CA VAL F 97 8.68 3.90 18.84
C VAL F 97 7.58 2.89 18.54
N HIS F 98 7.62 2.27 17.37
CA HIS F 98 6.64 1.29 16.92
C HIS F 98 7.16 -0.13 17.14
N LYS F 99 6.26 -0.99 17.63
CA LYS F 99 6.59 -2.41 17.81
C LYS F 99 5.59 -3.22 16.98
N PRO F 100 5.74 -3.19 15.66
CA PRO F 100 4.74 -3.80 14.78
C PRO F 100 4.70 -5.31 14.92
N GLN F 101 5.75 -5.92 15.46
CA GLN F 101 5.64 -7.38 15.65
C GLN F 101 5.37 -7.78 17.10
N ALA F 102 4.87 -6.85 17.91
CA ALA F 102 4.55 -7.14 19.30
C ALA F 102 3.83 -8.47 19.47
N PRO F 103 4.31 -9.33 20.38
CA PRO F 103 3.77 -10.68 20.53
C PRO F 103 2.51 -10.72 21.38
N ILE F 104 1.47 -10.09 20.87
CA ILE F 104 0.14 -10.34 21.43
C ILE F 104 -0.70 -11.19 20.49
N PRO F 105 -1.72 -11.85 21.03
CA PRO F 105 -2.51 -12.78 20.24
C PRO F 105 -3.61 -12.12 19.40
N GLN F 106 -3.87 -10.84 19.53
CA GLN F 106 -4.87 -10.22 18.67
C GLN F 106 -4.31 -9.93 17.30
N THR F 107 -5.14 -9.61 16.30
CA THR F 107 -4.59 -9.24 15.00
C THR F 107 -4.58 -7.72 14.90
N PHE F 108 -3.45 -7.08 14.63
CA PHE F 108 -3.42 -5.62 14.62
C PHE F 108 -2.34 -5.16 13.65
N ASP F 109 -2.38 -3.93 13.16
CA ASP F 109 -1.33 -3.42 12.30
C ASP F 109 -0.10 -2.92 13.04
N ASP F 110 -0.27 -2.15 14.11
CA ASP F 110 0.85 -1.47 14.75
C ASP F 110 0.53 -1.13 16.19
N VAL F 111 1.55 -1.13 17.05
CA VAL F 111 1.39 -0.57 18.39
C VAL F 111 2.61 0.30 18.61
N ALA F 112 2.49 1.43 19.29
CA ALA F 112 3.58 2.38 19.40
C ALA F 112 3.37 3.28 20.62
N VAL F 113 4.48 3.84 21.05
CA VAL F 113 4.38 4.95 21.99
C VAL F 113 5.03 6.19 21.37
N VAL F 114 4.58 7.36 21.78
CA VAL F 114 5.10 8.65 21.32
C VAL F 114 5.56 9.50 22.49
N ILE F 115 6.84 9.84 22.50
CA ILE F 115 7.45 10.62 23.56
C ILE F 115 7.71 12.03 23.04
N ARG F 116 7.17 12.98 23.80
CA ARG F 116 7.40 14.39 23.52
C ARG F 116 8.24 15.09 24.58
N ARG F 117 8.99 16.09 24.15
CA ARG F 117 9.82 16.92 25.01
C ARG F 117 9.80 18.32 24.40
N SER F 118 9.85 19.35 25.21
CA SER F 118 9.85 20.73 24.76
C SER F 118 10.60 21.57 25.80
N ARG F 119 10.69 22.87 25.58
CA ARG F 119 11.47 23.70 26.50
C ARG F 119 10.55 24.56 27.37
N ALA G 2 1.40 15.69 24.88
CA ALA G 2 1.42 14.88 23.68
C ALA G 2 2.03 13.50 23.92
N ASP G 3 2.61 13.17 25.06
CA ASP G 3 2.97 11.75 25.25
C ASP G 3 1.71 10.92 25.03
N ARG G 4 1.84 9.81 24.28
CA ARG G 4 0.66 8.99 24.05
C ARG G 4 1.04 7.56 23.67
N ILE G 5 0.09 6.67 23.85
CA ILE G 5 0.18 5.29 23.37
C ILE G 5 -0.76 5.11 22.19
N GLU G 6 -0.29 4.52 21.09
CA GLU G 6 -1.16 4.41 19.92
C GLU G 6 -1.33 2.94 19.51
N LEU G 7 -2.56 2.45 19.45
CA LEU G 7 -2.86 1.12 18.91
C LEU G 7 -3.60 1.34 17.60
N ARG G 8 -3.18 0.67 16.53
CA ARG G 8 -3.80 0.90 15.22
C ARG G 8 -4.14 -0.42 14.52
N GLY G 9 -5.32 -0.46 13.89
CA GLY G 9 -5.65 -1.55 13.00
C GLY G 9 -6.04 -2.81 13.72
N LEU G 10 -6.50 -2.69 14.96
CA LEU G 10 -6.95 -3.88 15.70
C LEU G 10 -8.17 -4.46 15.04
N THR G 11 -8.06 -5.67 14.48
CA THR G 11 -9.11 -6.20 13.62
C THR G 11 -9.86 -7.33 14.29
N VAL G 12 -11.20 -7.15 14.37
CA VAL G 12 -12.01 -8.03 15.19
C VAL G 12 -13.32 -8.26 14.46
N HIS G 13 -13.73 -9.51 14.30
CA HIS G 13 -15.07 -9.81 13.80
C HIS G 13 -16.13 -9.55 14.87
N GLY G 14 -17.24 -8.93 14.46
CA GLY G 14 -18.33 -8.62 15.36
C GLY G 14 -19.66 -8.54 14.63
N ARG G 15 -20.73 -8.24 15.34
CA ARG G 15 -22.06 -8.30 14.76
C ARG G 15 -22.86 -7.04 14.99
N HIS G 16 -22.18 -5.91 15.22
CA HIS G 16 -22.86 -4.64 15.38
C HIS G 16 -23.55 -4.19 14.11
N GLY G 17 -24.60 -3.41 14.37
CA GLY G 17 -25.33 -2.80 13.29
C GLY G 17 -26.79 -2.54 13.58
N VAL G 18 -27.34 -1.60 12.83
CA VAL G 18 -28.71 -1.19 13.05
C VAL G 18 -29.68 -2.23 12.52
N TYR G 19 -29.49 -2.72 11.31
CA TYR G 19 -30.43 -3.61 10.67
C TYR G 19 -29.96 -5.06 10.58
N ASP G 20 -30.92 -5.95 10.78
CA ASP G 20 -31.24 -7.30 11.20
C ASP G 20 -30.25 -8.01 10.30
N HIS G 21 -30.17 -7.60 9.03
CA HIS G 21 -29.30 -8.39 8.13
C HIS G 21 -27.85 -8.27 8.53
N GLU G 22 -27.49 -7.19 9.25
CA GLU G 22 -26.05 -7.05 9.52
C GLU G 22 -25.60 -7.99 10.62
N ARG G 23 -26.56 -8.63 11.29
CA ARG G 23 -26.22 -9.47 12.42
C ARG G 23 -26.21 -10.96 12.11
N VAL G 24 -26.72 -11.42 10.97
CA VAL G 24 -26.72 -12.86 10.70
C VAL G 24 -25.30 -13.38 10.70
N ALA G 25 -24.45 -12.64 9.99
CA ALA G 25 -23.08 -13.10 9.82
C ALA G 25 -22.06 -12.14 10.41
N GLY G 26 -22.46 -10.90 10.64
CA GLY G 26 -21.49 -9.94 11.17
C GLY G 26 -20.46 -9.56 10.12
N GLN G 27 -19.42 -8.85 10.54
CA GLN G 27 -18.48 -8.27 9.60
C GLN G 27 -17.21 -7.82 10.35
N ARG G 28 -16.25 -7.34 9.58
CA ARG G 28 -14.96 -6.95 10.15
C ARG G 28 -14.99 -5.54 10.72
N PHE G 29 -14.56 -5.38 11.97
CA PHE G 29 -14.43 -4.06 12.55
C PHE G 29 -12.95 -3.79 12.79
N VAL G 30 -12.53 -2.54 12.59
CA VAL G 30 -11.13 -2.18 12.80
C VAL G 30 -11.07 -1.03 13.80
N ILE G 31 -10.29 -1.23 14.87
CA ILE G 31 -10.27 -0.27 15.97
C ILE G 31 -8.90 0.37 16.11
N ASP G 32 -8.85 1.67 16.33
CA ASP G 32 -7.66 2.41 16.72
C ASP G 32 -7.92 3.01 18.10
N VAL G 33 -6.89 3.02 18.93
CA VAL G 33 -7.00 3.70 20.21
C VAL G 33 -5.78 4.59 20.39
N THR G 34 -6.01 5.81 20.86
CA THR G 34 -4.94 6.71 21.23
C THR G 34 -5.20 7.15 22.69
N VAL G 35 -4.19 6.91 23.49
CA VAL G 35 -4.19 7.16 24.91
C VAL G 35 -3.20 8.26 25.28
N TRP G 36 -3.73 9.41 25.72
CA TRP G 36 -2.83 10.47 26.19
C TRP G 36 -2.61 10.26 27.70
N ILE G 37 -1.34 10.02 28.00
CA ILE G 37 -0.93 9.76 29.37
C ILE G 37 0.51 10.19 29.56
N ASP G 38 0.93 10.67 30.72
CA ASP G 38 2.33 11.10 30.82
C ASP G 38 3.24 9.87 30.87
N LEU G 39 4.29 9.80 30.08
CA LEU G 39 5.15 8.64 30.05
C LEU G 39 6.54 8.86 30.66
N ALA G 40 6.79 10.01 31.26
CA ALA G 40 8.12 10.27 31.79
C ALA G 40 8.50 9.34 32.93
N GLU G 41 7.55 9.07 33.81
CA GLU G 41 7.81 8.20 34.95
C GLU G 41 8.25 6.83 34.45
N ALA G 42 7.49 6.28 33.50
CA ALA G 42 7.78 4.95 32.99
C ALA G 42 9.13 4.96 32.29
N ALA G 43 9.46 6.07 31.60
CA ALA G 43 10.78 6.06 31.00
C ALA G 43 11.86 6.04 32.08
N ASN G 44 11.52 6.64 33.22
CA ASN G 44 12.42 6.80 34.33
C ASN G 44 12.66 5.51 35.09
N SER G 45 11.62 4.71 35.23
CA SER G 45 11.70 3.45 35.96
C SER G 45 11.90 2.25 35.05
N ASP G 46 11.39 2.31 33.83
CA ASP G 46 11.49 1.18 32.89
C ASP G 46 10.65 0.02 33.41
N ASP G 47 9.62 0.35 34.15
CA ASP G 47 8.71 -0.55 34.84
C ASP G 47 7.32 -0.50 34.22
N LEU G 48 6.86 -1.61 33.68
CA LEU G 48 5.56 -1.70 33.03
C LEU G 48 4.47 -1.15 33.93
N ALA G 49 4.62 -1.26 35.24
CA ALA G 49 3.56 -0.74 36.10
C ALA G 49 3.32 0.75 35.97
N ASP G 50 4.32 1.51 35.52
CA ASP G 50 4.21 2.95 35.45
C ASP G 50 3.68 3.42 34.11
N THR G 51 3.20 2.50 33.28
CA THR G 51 2.60 2.91 31.99
C THR G 51 1.29 2.18 31.81
N TYR G 52 0.68 2.36 30.66
CA TYR G 52 -0.59 1.72 30.30
C TYR G 52 -0.21 0.50 29.46
N ASP G 53 -0.44 -0.71 29.91
CA ASP G 53 0.03 -1.90 29.19
C ASP G 53 -0.70 -2.10 27.87
N TYR G 54 -0.06 -1.99 26.70
CA TYR G 54 -0.79 -2.19 25.43
C TYR G 54 -1.42 -3.58 25.36
N VAL G 55 -0.81 -4.58 26.01
CA VAL G 55 -1.31 -5.95 25.95
C VAL G 55 -2.73 -6.07 26.48
N ARG G 56 -3.00 -5.47 27.63
CA ARG G 56 -4.36 -5.44 28.19
C ARG G 56 -5.24 -4.54 27.33
N LEU G 57 -4.68 -3.41 26.86
CA LEU G 57 -5.47 -2.55 25.98
C LEU G 57 -6.02 -3.33 24.78
N ALA G 58 -5.18 -4.08 24.06
CA ALA G 58 -5.63 -4.81 22.88
C ALA G 58 -6.59 -5.92 23.27
N SER G 59 -6.32 -6.71 24.31
CA SER G 59 -7.30 -7.78 24.59
C SER G 59 -8.62 -7.18 25.07
N ARG G 60 -8.63 -6.18 25.95
CA ARG G 60 -9.92 -5.63 26.35
C ARG G 60 -10.64 -4.98 25.17
N ALA G 61 -9.93 -4.17 24.37
CA ALA G 61 -10.69 -3.60 23.24
C ALA G 61 -11.20 -4.72 22.34
N ALA G 62 -10.47 -5.78 22.06
CA ALA G 62 -10.94 -6.87 21.23
C ALA G 62 -12.16 -7.59 21.81
N GLU G 63 -12.15 -7.77 23.12
CA GLU G 63 -13.26 -8.34 23.86
C GLU G 63 -14.57 -7.61 23.69
N ILE G 64 -14.43 -6.28 23.79
CA ILE G 64 -15.64 -5.45 23.65
C ILE G 64 -16.21 -5.56 22.25
N VAL G 65 -15.33 -5.50 21.25
CA VAL G 65 -15.79 -5.51 19.86
C VAL G 65 -16.44 -6.84 19.50
N ALA G 66 -15.89 -7.91 20.07
CA ALA G 66 -16.32 -9.26 19.75
C ALA G 66 -17.57 -9.67 20.53
N GLY G 67 -17.97 -8.82 21.47
CA GLY G 67 -19.01 -9.06 22.43
C GLY G 67 -20.42 -8.84 21.93
N PRO G 68 -21.40 -8.80 22.82
CA PRO G 68 -22.79 -8.62 22.41
C PRO G 68 -22.96 -7.40 21.51
N PRO G 69 -23.69 -7.57 20.42
CA PRO G 69 -23.80 -6.53 19.40
C PRO G 69 -24.48 -5.25 19.90
N ARG G 70 -23.95 -4.10 19.47
CA ARG G 70 -24.68 -2.87 19.62
C ARG G 70 -25.27 -2.51 18.25
N LYS G 71 -26.23 -1.60 18.28
CA LYS G 71 -26.75 -1.13 16.99
C LYS G 71 -25.75 -0.18 16.33
N LEU G 72 -25.19 0.72 17.12
CA LEU G 72 -24.24 1.71 16.60
C LEU G 72 -22.79 1.50 16.99
N ILE G 73 -21.90 1.87 16.06
CA ILE G 73 -20.47 1.83 16.36
C ILE G 73 -20.11 2.93 17.36
N GLU G 74 -20.90 4.00 17.43
CA GLU G 74 -20.76 5.01 18.46
C GLU G 74 -20.71 4.36 19.85
N THR G 75 -21.59 3.38 20.08
CA THR G 75 -21.75 2.75 21.37
C THR G 75 -20.59 1.82 21.71
N VAL G 76 -20.04 1.21 20.67
CA VAL G 76 -18.85 0.40 20.83
C VAL G 76 -17.66 1.25 21.23
N GLY G 77 -17.48 2.38 20.53
CA GLY G 77 -16.33 3.23 20.81
C GLY G 77 -16.41 3.84 22.19
N ALA G 78 -17.62 4.16 22.64
CA ALA G 78 -17.76 4.69 23.98
C ALA G 78 -17.49 3.64 25.04
N GLU G 79 -17.82 2.36 24.77
CA GLU G 79 -17.45 1.42 25.83
C GLU G 79 -15.94 1.28 25.92
N ILE G 80 -15.26 1.20 24.79
CA ILE G 80 -13.80 1.14 24.80
C ILE G 80 -13.18 2.40 25.40
N ALA G 81 -13.73 3.59 25.10
CA ALA G 81 -13.13 4.80 25.66
C ALA G 81 -13.32 4.89 27.16
N ASP G 82 -14.50 4.49 27.62
CA ASP G 82 -14.77 4.59 29.05
C ASP G 82 -13.90 3.59 29.81
N HIS G 83 -13.59 2.45 29.19
CA HIS G 83 -12.70 1.47 29.81
C HIS G 83 -11.30 2.07 30.03
N VAL G 84 -10.80 2.71 28.97
CA VAL G 84 -9.48 3.31 29.09
C VAL G 84 -9.50 4.39 30.15
N MET G 85 -10.57 5.19 30.20
CA MET G 85 -10.59 6.27 31.19
C MET G 85 -10.71 5.73 32.60
N ASP G 86 -10.95 4.43 32.77
CA ASP G 86 -10.97 3.97 34.18
C ASP G 86 -9.56 4.03 34.74
N ASP G 87 -8.53 4.14 33.90
CA ASP G 87 -7.18 4.36 34.49
C ASP G 87 -7.03 5.84 34.76
N GLN G 88 -6.96 6.26 36.03
CA GLN G 88 -6.92 7.67 36.39
C GLN G 88 -5.74 8.46 35.81
N ARG G 89 -4.74 7.74 35.32
CA ARG G 89 -3.51 8.32 34.80
C ARG G 89 -3.73 8.91 33.42
N VAL G 90 -4.80 8.43 32.79
CA VAL G 90 -5.11 8.83 31.42
C VAL G 90 -5.72 10.23 31.36
N HIS G 91 -5.18 11.12 30.53
CA HIS G 91 -5.63 12.49 30.36
C HIS G 91 -6.82 12.53 29.41
N ALA G 92 -6.72 11.67 28.40
CA ALA G 92 -7.79 11.59 27.43
C ALA G 92 -7.54 10.41 26.51
N VAL G 93 -8.55 10.09 25.74
CA VAL G 93 -8.45 8.96 24.81
C VAL G 93 -9.31 9.30 23.60
N GLU G 94 -8.93 8.71 22.48
CA GLU G 94 -9.74 8.75 21.28
C GLU G 94 -9.80 7.28 20.81
N VAL G 95 -11.01 6.82 20.56
CA VAL G 95 -11.25 5.52 19.97
C VAL G 95 -11.94 5.65 18.62
N ALA G 96 -11.26 5.16 17.60
CA ALA G 96 -11.84 5.11 16.26
C ALA G 96 -12.36 3.70 16.01
N VAL G 97 -13.66 3.62 15.75
CA VAL G 97 -14.28 2.36 15.36
C VAL G 97 -14.59 2.48 13.86
N HIS G 98 -13.87 1.72 13.07
CA HIS G 98 -14.01 1.67 11.62
C HIS G 98 -14.85 0.47 11.19
N LYS G 99 -15.72 0.71 10.22
CA LYS G 99 -16.57 -0.30 9.65
C LYS G 99 -16.28 -0.39 8.16
N PRO G 100 -15.13 -0.92 7.77
CA PRO G 100 -14.70 -0.81 6.36
C PRO G 100 -15.60 -1.64 5.46
N GLN G 101 -16.36 -2.58 6.02
CA GLN G 101 -17.23 -3.32 5.11
C GLN G 101 -18.70 -2.91 5.23
N ALA G 102 -18.94 -1.68 5.65
CA ALA G 102 -20.32 -1.24 5.87
C ALA G 102 -21.15 -1.44 4.60
N PRO G 103 -22.35 -1.97 4.78
CA PRO G 103 -23.18 -2.43 3.67
C PRO G 103 -23.93 -1.29 2.97
N ILE G 104 -23.18 -0.36 2.41
CA ILE G 104 -23.81 0.74 1.68
C ILE G 104 -23.42 0.61 0.21
N PRO G 105 -24.28 1.05 -0.70
CA PRO G 105 -24.03 0.82 -2.11
C PRO G 105 -22.91 1.65 -2.72
N GLN G 106 -22.50 2.76 -2.13
CA GLN G 106 -21.40 3.51 -2.75
C GLN G 106 -20.07 2.78 -2.62
N THR G 107 -19.07 3.17 -3.38
CA THR G 107 -17.69 2.70 -3.27
C THR G 107 -16.89 3.64 -2.38
N PHE G 108 -16.34 3.17 -1.27
CA PHE G 108 -15.62 4.04 -0.33
C PHE G 108 -14.54 3.18 0.34
N ASP G 109 -13.50 3.83 0.85
CA ASP G 109 -12.44 3.12 1.52
C ASP G 109 -12.83 2.78 2.96
N ASP G 110 -13.40 3.75 3.65
CA ASP G 110 -13.68 3.53 5.06
C ASP G 110 -14.76 4.43 5.60
N VAL G 111 -15.43 3.98 6.65
CA VAL G 111 -16.32 4.89 7.38
C VAL G 111 -16.08 4.58 8.85
N ALA G 112 -16.05 5.58 9.70
CA ALA G 112 -15.67 5.40 11.11
C ALA G 112 -16.29 6.43 12.04
N VAL G 113 -16.34 6.14 13.32
CA VAL G 113 -16.68 7.19 14.28
C VAL G 113 -15.48 7.29 15.22
N VAL G 114 -15.18 8.46 15.71
CA VAL G 114 -14.15 8.69 16.70
C VAL G 114 -14.80 9.29 17.94
N ILE G 115 -14.73 8.48 19.00
CA ILE G 115 -15.20 8.90 20.30
C ILE G 115 -14.03 9.41 21.12
N ARG G 116 -14.16 10.63 21.60
CA ARG G 116 -13.23 11.25 22.51
C ARG G 116 -13.81 11.33 23.92
N ARG G 117 -12.91 11.13 24.87
CA ARG G 117 -13.25 11.39 26.26
C ARG G 117 -12.04 12.03 26.90
N SER G 118 -12.32 12.80 27.95
CA SER G 118 -11.14 13.40 28.59
C SER G 118 -11.53 13.87 29.98
N ARG G 119 -10.55 14.21 30.82
CA ARG G 119 -11.05 14.76 32.09
C ARG G 119 -11.33 16.26 31.96
N ALA H 2 -9.92 26.83 8.42
CA ALA H 2 -9.15 25.72 7.90
C ALA H 2 -9.38 25.49 6.40
N ASP H 3 -10.05 26.36 5.65
CA ASP H 3 -10.06 26.10 4.19
C ASP H 3 -8.62 26.02 3.66
N ARG H 4 -8.35 25.03 2.79
CA ARG H 4 -6.98 24.90 2.30
C ARG H 4 -6.97 24.12 0.98
N ILE H 5 -5.85 24.26 0.31
CA ILE H 5 -5.58 23.51 -0.92
C ILE H 5 -4.41 22.59 -0.63
N GLU H 6 -4.49 21.32 -1.01
CA GLU H 6 -3.50 20.33 -0.68
C GLU H 6 -3.01 19.60 -1.92
N LEU H 7 -1.72 19.69 -2.16
CA LEU H 7 -1.00 19.04 -3.25
C LEU H 7 -0.11 18.00 -2.58
N ARG H 8 -0.20 16.75 -3.01
CA ARG H 8 0.54 15.70 -2.32
C ARG H 8 1.37 14.85 -3.28
N GLY H 9 2.64 14.66 -2.94
CA GLY H 9 3.44 13.70 -3.65
C GLY H 9 3.90 14.13 -5.02
N LEU H 10 4.16 15.42 -5.21
CA LEU H 10 4.71 15.94 -6.47
C LEU H 10 6.15 15.43 -6.57
N THR H 11 6.42 14.60 -7.59
CA THR H 11 7.64 13.84 -7.71
C THR H 11 8.54 14.32 -8.82
N VAL H 12 9.76 14.67 -8.50
CA VAL H 12 10.62 15.45 -9.39
C VAL H 12 12.06 15.00 -9.17
N HIS H 13 12.80 14.63 -10.21
CA HIS H 13 14.21 14.34 -10.09
C HIS H 13 14.95 15.67 -9.91
N GLY H 14 15.91 15.72 -9.00
CA GLY H 14 16.75 16.88 -8.76
C GLY H 14 18.13 16.46 -8.28
N ARG H 15 18.99 17.44 -8.04
CA ARG H 15 20.35 17.23 -7.60
C ARG H 15 20.70 17.90 -6.28
N HIS H 16 19.75 18.25 -5.44
CA HIS H 16 20.02 18.88 -4.14
C HIS H 16 20.80 17.97 -3.21
N GLY H 17 21.65 18.57 -2.39
CA GLY H 17 22.44 17.71 -1.51
C GLY H 17 23.72 18.44 -1.08
N VAL H 18 24.17 18.13 0.13
CA VAL H 18 25.32 18.83 0.70
C VAL H 18 26.61 18.46 0.00
N TYR H 19 26.82 17.18 -0.26
CA TYR H 19 28.10 16.73 -0.76
C TYR H 19 27.96 16.12 -2.16
N ASP H 20 29.06 16.21 -2.89
CA ASP H 20 29.42 16.43 -4.29
C ASP H 20 28.89 15.12 -4.87
N HIS H 21 29.02 14.01 -4.16
CA HIS H 21 28.59 12.76 -4.79
C HIS H 21 27.09 12.79 -5.04
N GLU H 22 26.41 13.58 -4.21
CA GLU H 22 24.97 13.62 -4.36
C GLU H 22 24.56 14.32 -5.64
N ARG H 23 25.45 15.16 -6.16
CA ARG H 23 25.24 16.03 -7.30
C ARG H 23 25.49 15.33 -8.62
N VAL H 24 26.17 14.19 -8.65
CA VAL H 24 26.44 13.61 -9.96
C VAL H 24 25.16 13.24 -10.70
N ALA H 25 24.35 12.38 -10.09
CA ALA H 25 23.21 11.77 -10.75
C ALA H 25 21.90 12.34 -10.22
N GLY H 26 21.97 12.79 -8.98
CA GLY H 26 20.79 13.35 -8.33
C GLY H 26 19.92 12.19 -7.83
N GLN H 27 18.66 12.45 -7.54
CA GLN H 27 17.81 11.50 -6.88
C GLN H 27 16.36 12.02 -6.90
N ARG H 28 15.44 11.19 -6.44
CA ARG H 28 14.03 11.51 -6.46
C ARG H 28 13.65 12.42 -5.30
N PHE H 29 12.98 13.53 -5.58
CA PHE H 29 12.42 14.39 -4.52
C PHE H 29 10.89 14.34 -4.59
N VAL H 30 10.26 14.40 -3.43
CA VAL H 30 8.80 14.40 -3.36
C VAL H 30 8.29 15.59 -2.56
N ILE H 31 7.42 16.40 -3.18
CA ILE H 31 6.98 17.65 -2.54
C ILE H 31 5.50 17.62 -2.18
N ASP H 32 5.12 18.09 -0.98
CA ASP H 32 3.75 18.38 -0.66
C ASP H 32 3.61 19.89 -0.43
N VAL H 33 2.47 20.47 -0.82
CA VAL H 33 2.19 21.85 -0.48
C VAL H 33 0.80 21.97 0.13
N THR H 34 0.66 22.73 1.20
CA THR H 34 -0.63 23.05 1.78
C THR H 34 -0.79 24.56 1.85
N VAL H 35 -1.85 25.06 1.22
CA VAL H 35 -2.13 26.48 1.12
C VAL H 35 -3.40 26.82 1.89
N TRP H 36 -3.27 27.55 2.98
CA TRP H 36 -4.43 28.05 3.72
C TRP H 36 -4.87 29.37 3.08
N ILE H 37 -6.09 29.38 2.58
CA ILE H 37 -6.69 30.50 1.86
C ILE H 37 -8.20 30.42 1.98
N ASP H 38 -8.94 31.51 2.06
CA ASP H 38 -10.40 31.49 2.12
C ASP H 38 -10.98 31.09 0.77
N LEU H 39 -11.78 30.01 0.77
CA LEU H 39 -12.35 29.54 -0.48
C LEU H 39 -13.84 29.81 -0.62
N ALA H 40 -14.45 30.62 0.24
CA ALA H 40 -15.88 30.86 0.17
C ALA H 40 -16.25 31.67 -1.06
N GLU H 41 -15.43 32.67 -1.41
CA GLU H 41 -15.85 33.41 -2.62
C GLU H 41 -15.73 32.52 -3.84
N ALA H 42 -14.68 31.71 -3.90
CA ALA H 42 -14.50 30.82 -5.05
C ALA H 42 -15.68 29.87 -5.17
N ALA H 43 -16.20 29.44 -4.02
CA ALA H 43 -17.33 28.51 -4.18
C ALA H 43 -18.54 29.34 -4.60
N ASN H 44 -18.53 30.65 -4.28
CA ASN H 44 -19.80 31.33 -4.64
C ASN H 44 -19.75 31.76 -6.08
N SER H 45 -18.55 32.05 -6.59
CA SER H 45 -18.47 32.49 -7.99
C SER H 45 -18.28 31.35 -8.97
N ASP H 46 -17.64 30.27 -8.56
CA ASP H 46 -17.24 29.14 -9.39
C ASP H 46 -16.23 29.58 -10.46
N ASP H 47 -15.49 30.62 -10.14
CA ASP H 47 -14.53 31.30 -11.01
C ASP H 47 -13.09 31.08 -10.53
N LEU H 48 -12.25 30.44 -11.32
CA LEU H 48 -10.88 30.11 -10.95
C LEU H 48 -10.06 31.26 -10.40
N ALA H 49 -10.34 32.50 -10.83
CA ALA H 49 -9.60 33.68 -10.41
C ALA H 49 -9.74 33.95 -8.90
N ASP H 50 -10.83 33.42 -8.34
CA ASP H 50 -11.17 33.70 -6.95
C ASP H 50 -10.52 32.66 -6.04
N THR H 51 -9.81 31.71 -6.63
CA THR H 51 -9.07 30.75 -5.80
C THR H 51 -7.59 30.75 -6.18
N TYR H 52 -6.81 29.82 -5.67
CA TYR H 52 -5.39 29.66 -5.96
C TYR H 52 -5.26 28.45 -6.90
N ASP H 53 -4.87 28.68 -8.14
CA ASP H 53 -4.87 27.64 -9.18
C ASP H 53 -3.89 26.51 -8.90
N TYR H 54 -4.32 25.27 -8.72
CA TYR H 54 -3.38 24.20 -8.37
C TYR H 54 -2.41 23.96 -9.52
N VAL H 55 -2.88 24.28 -10.74
CA VAL H 55 -2.08 23.96 -11.92
C VAL H 55 -0.77 24.73 -11.96
N ARG H 56 -0.83 26.03 -11.74
CA ARG H 56 0.37 26.88 -11.67
C ARG H 56 1.20 26.52 -10.44
N LEU H 57 0.51 26.10 -9.37
CA LEU H 57 1.24 25.72 -8.16
C LEU H 57 2.10 24.50 -8.45
N ALA H 58 1.52 23.49 -9.10
CA ALA H 58 2.33 22.31 -9.37
C ALA H 58 3.47 22.62 -10.32
N SER H 59 3.19 23.44 -11.34
CA SER H 59 4.27 23.59 -12.34
C SER H 59 5.40 24.41 -11.74
N ARG H 60 5.03 25.43 -10.96
CA ARG H 60 6.12 26.22 -10.37
C ARG H 60 6.92 25.43 -9.36
N ALA H 61 6.19 24.72 -8.50
CA ALA H 61 6.90 23.94 -7.49
C ALA H 61 7.84 22.96 -8.18
N ALA H 62 7.35 22.37 -9.27
CA ALA H 62 8.22 21.39 -9.95
C ALA H 62 9.44 22.05 -10.56
N GLU H 63 9.27 23.23 -11.17
CA GLU H 63 10.38 24.00 -11.71
C GLU H 63 11.42 24.27 -10.63
N ILE H 64 10.93 24.67 -9.45
CA ILE H 64 11.91 25.01 -8.40
C ILE H 64 12.63 23.74 -8.04
N VAL H 65 11.94 22.62 -7.88
CA VAL H 65 12.68 21.43 -7.44
C VAL H 65 13.62 20.90 -8.51
N ALA H 66 13.27 21.04 -9.78
CA ALA H 66 14.08 20.55 -10.88
C ALA H 66 15.29 21.44 -11.14
N GLY H 67 15.28 22.65 -10.59
CA GLY H 67 16.27 23.65 -10.93
C GLY H 67 17.63 23.46 -10.29
N PRO H 68 18.45 24.49 -10.40
CA PRO H 68 19.84 24.43 -9.93
C PRO H 68 19.84 23.95 -8.49
N PRO H 69 20.69 23.02 -8.17
CA PRO H 69 20.60 22.42 -6.84
C PRO H 69 20.94 23.37 -5.69
N ARG H 70 20.31 23.13 -4.55
CA ARG H 70 20.69 23.66 -3.28
C ARG H 70 21.40 22.57 -2.46
N LYS H 71 22.12 23.04 -1.46
CA LYS H 71 22.72 22.08 -0.52
C LYS H 71 21.60 21.43 0.29
N LEU H 72 20.73 22.30 0.81
CA LEU H 72 19.70 21.84 1.75
C LEU H 72 18.27 21.79 1.22
N ILE H 73 17.47 20.81 1.66
CA ILE H 73 16.08 20.78 1.21
C ILE H 73 15.29 21.86 1.92
N GLU H 74 15.81 22.34 3.04
CA GLU H 74 15.24 23.51 3.69
C GLU H 74 15.14 24.68 2.72
N THR H 75 16.20 24.92 1.96
CA THR H 75 16.18 26.09 1.07
C THR H 75 15.25 25.89 -0.08
N VAL H 76 15.15 24.68 -0.60
CA VAL H 76 14.15 24.39 -1.65
C VAL H 76 12.76 24.69 -1.12
N GLY H 77 12.53 24.25 0.10
CA GLY H 77 11.21 24.42 0.71
C GLY H 77 10.85 25.86 0.90
N ALA H 78 11.81 26.66 1.34
CA ALA H 78 11.59 28.10 1.54
C ALA H 78 11.29 28.77 0.20
N GLU H 79 11.99 28.33 -0.85
CA GLU H 79 11.76 29.00 -2.15
C GLU H 79 10.33 28.76 -2.61
N ILE H 80 9.82 27.54 -2.44
CA ILE H 80 8.43 27.25 -2.79
C ILE H 80 7.47 28.01 -1.89
N ALA H 81 7.79 28.08 -0.59
CA ALA H 81 6.84 28.74 0.32
C ALA H 81 6.80 30.23 0.02
N ASP H 82 7.96 30.83 -0.23
CA ASP H 82 7.96 32.25 -0.59
C ASP H 82 7.15 32.51 -1.84
N HIS H 83 7.22 31.62 -2.84
CA HIS H 83 6.43 31.81 -4.06
C HIS H 83 4.95 31.87 -3.71
N VAL H 84 4.53 30.86 -2.93
CA VAL H 84 3.09 30.85 -2.64
C VAL H 84 2.66 32.09 -1.87
N MET H 85 3.50 32.60 -0.97
CA MET H 85 3.10 33.77 -0.15
C MET H 85 3.03 35.05 -0.96
N ASP H 86 3.52 34.96 -2.19
CA ASP H 86 3.43 36.07 -3.13
C ASP H 86 1.97 36.48 -3.35
N ASP H 87 1.08 35.52 -3.17
CA ASP H 87 -0.36 35.76 -3.30
C ASP H 87 -0.85 36.29 -1.95
N GLN H 88 -1.20 37.58 -1.94
CA GLN H 88 -1.62 38.22 -0.71
C GLN H 88 -2.88 37.61 -0.10
N ARG H 89 -3.58 36.77 -0.84
CA ARG H 89 -4.81 36.15 -0.32
C ARG H 89 -4.43 35.03 0.63
N VAL H 90 -3.17 34.58 0.48
CA VAL H 90 -2.84 33.38 1.27
C VAL H 90 -2.55 33.67 2.73
N HIS H 91 -3.23 32.97 3.64
CA HIS H 91 -2.98 33.15 5.06
C HIS H 91 -1.66 32.52 5.52
N ALA H 92 -1.36 31.36 4.98
CA ALA H 92 -0.19 30.59 5.39
C ALA H 92 0.04 29.45 4.40
N VAL H 93 1.25 28.91 4.47
CA VAL H 93 1.55 27.79 3.62
C VAL H 93 2.49 26.85 4.36
N GLU H 94 2.42 25.54 4.08
CA GLU H 94 3.45 24.63 4.58
C GLU H 94 3.96 23.83 3.36
N VAL H 95 5.28 23.79 3.26
CA VAL H 95 5.88 22.99 2.20
C VAL H 95 6.72 21.85 2.78
N ALA H 96 6.37 20.62 2.36
CA ALA H 96 7.22 19.49 2.77
C ALA H 96 8.09 19.05 1.60
N VAL H 97 9.39 18.98 1.84
CA VAL H 97 10.32 18.47 0.83
C VAL H 97 10.87 17.14 1.33
N HIS H 98 10.53 16.06 0.64
CA HIS H 98 10.94 14.73 1.05
C HIS H 98 12.10 14.20 0.23
N LYS H 99 13.02 13.49 0.88
CA LYS H 99 14.19 12.90 0.21
C LYS H 99 14.22 11.41 0.48
N PRO H 100 13.27 10.67 -0.11
CA PRO H 100 13.07 9.28 0.31
C PRO H 100 14.21 8.38 -0.10
N GLN H 101 15.10 8.88 -0.96
CA GLN H 101 16.25 8.06 -1.37
C GLN H 101 17.56 8.56 -0.77
N ALA H 102 17.46 9.35 0.30
CA ALA H 102 18.63 9.94 0.95
C ALA H 102 19.70 8.85 1.13
N PRO H 103 20.94 9.16 0.76
CA PRO H 103 22.00 8.16 0.72
C PRO H 103 22.65 7.98 2.09
N ILE H 104 21.88 7.46 3.01
CA ILE H 104 22.37 7.08 4.34
C ILE H 104 22.23 5.57 4.53
N PRO H 105 23.09 5.02 5.38
CA PRO H 105 23.25 3.58 5.52
C PRO H 105 22.10 2.88 6.24
N GLN H 106 21.27 3.63 6.95
CA GLN H 106 20.15 3.07 7.68
C GLN H 106 19.01 2.70 6.75
N THR H 107 18.15 1.79 7.17
CA THR H 107 16.92 1.42 6.48
C THR H 107 15.75 2.22 7.03
N PHE H 108 15.09 3.01 6.17
CA PHE H 108 14.06 3.94 6.61
C PHE H 108 13.11 4.23 5.47
N ASP H 109 11.92 4.75 5.76
CA ASP H 109 10.96 5.02 4.71
C ASP H 109 11.10 6.41 4.11
N ASP H 110 11.36 7.42 4.96
CA ASP H 110 11.37 8.77 4.41
C ASP H 110 12.11 9.74 5.30
N VAL H 111 12.65 10.83 4.75
CA VAL H 111 13.23 11.90 5.56
C VAL H 111 12.78 13.18 4.90
N ALA H 112 12.41 14.21 5.65
CA ALA H 112 11.88 15.43 5.04
C ALA H 112 12.03 16.64 5.94
N VAL H 113 11.86 17.82 5.36
CA VAL H 113 11.74 19.05 6.15
C VAL H 113 10.40 19.67 5.79
N VAL H 114 9.77 20.31 6.78
CA VAL H 114 8.59 21.11 6.47
C VAL H 114 8.90 22.55 6.77
N ILE H 115 8.54 23.42 5.82
CA ILE H 115 8.74 24.85 6.02
C ILE H 115 7.37 25.54 6.08
N ARG H 116 7.20 26.35 7.12
CA ARG H 116 6.00 27.13 7.30
C ARG H 116 6.24 28.64 7.13
N ARG H 117 5.26 29.34 6.56
CA ARG H 117 5.21 30.78 6.42
C ARG H 117 3.77 31.24 6.72
N SER H 118 3.60 32.39 7.35
CA SER H 118 2.24 32.78 7.72
C SER H 118 2.09 34.30 7.73
N ARG H 119 0.91 34.87 7.54
CA ARG H 119 0.68 36.32 7.68
C ARG H 119 -0.63 36.65 8.40
#